data_2LE0
#
_entry.id   2LE0
#
_entity_poly.entity_id   1
_entity_poly.type   'polypeptide(L)'
_entity_poly.pdbx_seq_one_letter_code
;MKPLSNMKILTLGKLSQNKDEAKAMIEKLGGKLTGSANKASLCISTKKEVEKMSKKMEEVKAANVRVVCEDFLQDVSASA
KSLQELLSAHSLSSWGAEVKHHHHHH
;
_entity_poly.pdbx_strand_id   A
#
# COMPACT_ATOMS: atom_id res chain seq x y z
N MET A 1 15.48 -0.17 -11.38
CA MET A 1 15.05 -0.13 -9.95
C MET A 1 14.12 1.06 -9.75
N LYS A 2 12.90 0.95 -10.28
CA LYS A 2 11.92 2.02 -10.14
C LYS A 2 10.51 1.46 -9.91
N PRO A 3 10.39 0.48 -9.04
CA PRO A 3 9.06 -0.14 -8.73
C PRO A 3 8.11 0.82 -8.00
N LEU A 4 8.59 1.41 -6.90
CA LEU A 4 7.78 2.34 -6.11
C LEU A 4 8.02 3.80 -6.51
N SER A 5 8.95 4.02 -7.42
CA SER A 5 9.29 5.38 -7.84
C SER A 5 8.15 6.06 -8.60
N ASN A 6 7.19 5.28 -9.10
CA ASN A 6 6.08 5.84 -9.87
C ASN A 6 4.82 5.96 -9.01
N MET A 7 4.94 5.72 -7.71
CA MET A 7 3.77 5.79 -6.84
C MET A 7 4.15 6.21 -5.41
N LYS A 8 3.19 6.83 -4.72
CA LYS A 8 3.40 7.27 -3.33
C LYS A 8 3.01 6.14 -2.38
N ILE A 9 3.57 6.17 -1.17
CA ILE A 9 3.30 5.11 -0.18
C ILE A 9 2.96 5.68 1.20
N LEU A 10 2.14 4.90 1.91
CA LEU A 10 1.70 5.23 3.27
C LEU A 10 1.71 3.96 4.11
N THR A 11 2.15 4.06 5.36
CA THR A 11 2.20 2.89 6.24
C THR A 11 1.48 3.17 7.56
N LEU A 12 0.56 2.26 7.89
CA LEU A 12 -0.23 2.38 9.13
C LEU A 12 0.04 1.18 10.04
N GLY A 13 0.43 1.47 11.27
CA GLY A 13 0.70 0.42 12.26
C GLY A 13 2.07 -0.22 12.03
N LYS A 14 2.42 -1.17 12.90
CA LYS A 14 3.71 -1.84 12.80
C LYS A 14 3.73 -2.86 11.67
N LEU A 15 4.84 -2.89 10.94
CA LEU A 15 5.04 -3.82 9.82
C LEU A 15 6.28 -4.67 10.03
N SER A 16 6.49 -5.65 9.17
CA SER A 16 7.65 -6.54 9.32
C SER A 16 8.95 -5.77 9.28
N GLN A 17 9.06 -4.80 8.37
CA GLN A 17 10.28 -4.01 8.26
C GLN A 17 10.35 -3.01 9.43
N ASN A 18 11.53 -2.89 10.01
CA ASN A 18 11.74 -2.01 11.14
C ASN A 18 11.79 -0.54 10.70
N LYS A 19 11.99 0.35 11.66
CA LYS A 19 12.07 1.77 11.37
C LYS A 19 13.20 2.10 10.41
N ASP A 20 14.40 1.63 10.72
CA ASP A 20 15.55 1.93 9.91
C ASP A 20 15.60 1.04 8.67
N GLU A 21 14.74 0.01 8.65
CA GLU A 21 14.70 -0.93 7.53
C GLU A 21 13.57 -0.62 6.56
N ALA A 22 12.53 0.04 7.04
CA ALA A 22 11.38 0.36 6.19
C ALA A 22 11.61 1.68 5.47
N LYS A 23 11.97 2.69 6.24
CA LYS A 23 12.17 4.03 5.70
C LYS A 23 13.31 4.05 4.68
N ALA A 24 14.42 3.38 5.02
CA ALA A 24 15.57 3.34 4.12
C ALA A 24 15.28 2.56 2.84
N MET A 25 14.66 1.39 2.97
CA MET A 25 14.36 0.57 1.80
C MET A 25 13.27 1.20 0.93
N ILE A 26 12.25 1.80 1.54
CA ILE A 26 11.18 2.42 0.77
C ILE A 26 11.71 3.59 -0.07
N GLU A 27 12.55 4.42 0.52
CA GLU A 27 13.11 5.57 -0.19
C GLU A 27 14.13 5.14 -1.24
N LYS A 28 14.82 4.02 -0.99
CA LYS A 28 15.83 3.53 -1.91
C LYS A 28 15.24 3.21 -3.28
N LEU A 29 14.08 2.55 -3.29
CA LEU A 29 13.44 2.20 -4.56
C LEU A 29 13.08 3.47 -5.31
N GLY A 30 12.58 4.41 -4.53
CA GLY A 30 12.12 5.69 -5.04
C GLY A 30 10.80 6.00 -4.37
N GLY A 31 10.31 5.03 -3.59
CA GLY A 31 9.05 5.19 -2.88
C GLY A 31 9.13 6.40 -1.95
N LYS A 32 7.97 6.99 -1.66
CA LYS A 32 7.88 8.17 -0.79
C LYS A 32 6.80 7.98 0.27
N LEU A 33 6.98 8.64 1.41
CA LEU A 33 6.02 8.52 2.51
C LEU A 33 5.12 9.75 2.59
N THR A 34 3.83 9.56 2.33
CA THR A 34 2.87 10.66 2.37
C THR A 34 2.31 10.81 3.79
N GLY A 35 1.69 11.96 4.07
CA GLY A 35 1.12 12.23 5.39
C GLY A 35 -0.41 12.22 5.35
N SER A 36 -0.97 12.35 4.14
CA SER A 36 -2.42 12.35 3.97
C SER A 36 -2.94 10.93 3.89
N ALA A 37 -3.88 10.68 2.98
CA ALA A 37 -4.44 9.34 2.82
C ALA A 37 -4.65 8.98 1.34
N ASN A 38 -5.59 9.65 0.70
CA ASN A 38 -5.89 9.40 -0.71
C ASN A 38 -4.71 9.74 -1.60
N LYS A 39 -3.88 10.68 -1.18
CA LYS A 39 -2.72 11.06 -1.98
C LYS A 39 -1.83 9.85 -2.20
N ALA A 40 -1.77 8.99 -1.18
CA ALA A 40 -0.97 7.77 -1.26
C ALA A 40 -1.55 6.83 -2.31
N SER A 41 -0.73 5.91 -2.82
CA SER A 41 -1.21 4.97 -3.82
C SER A 41 -1.61 3.67 -3.15
N LEU A 42 -0.63 2.92 -2.68
CA LEU A 42 -0.90 1.66 -1.97
C LEU A 42 -0.42 1.79 -0.52
N CYS A 43 -1.34 1.61 0.40
CA CYS A 43 -1.04 1.70 1.82
C CYS A 43 -0.42 0.39 2.32
N ILE A 44 0.58 0.49 3.19
CA ILE A 44 1.23 -0.69 3.73
C ILE A 44 0.61 -1.05 5.07
N SER A 45 -0.06 -2.19 5.08
CA SER A 45 -0.71 -2.68 6.30
C SER A 45 -0.93 -4.18 6.19
N THR A 46 -0.96 -4.85 7.34
CA THR A 46 -1.17 -6.30 7.36
C THR A 46 -2.64 -6.60 7.59
N LYS A 47 -3.03 -7.83 7.31
CA LYS A 47 -4.41 -8.25 7.48
C LYS A 47 -4.85 -8.09 8.92
N LYS A 48 -3.94 -8.39 9.85
CA LYS A 48 -4.28 -8.26 11.27
C LYS A 48 -4.74 -6.84 11.56
N GLU A 49 -4.07 -5.86 10.97
CA GLU A 49 -4.45 -4.47 11.18
C GLU A 49 -5.84 -4.23 10.59
N VAL A 50 -6.08 -4.83 9.42
CA VAL A 50 -7.37 -4.68 8.74
C VAL A 50 -8.51 -5.32 9.54
N GLU A 51 -8.29 -6.50 10.09
CA GLU A 51 -9.33 -7.21 10.85
C GLU A 51 -9.93 -6.31 11.94
N LYS A 52 -9.09 -5.50 12.54
CA LYS A 52 -9.52 -4.63 13.62
C LYS A 52 -10.54 -3.61 13.13
N MET A 53 -10.32 -3.10 11.93
CA MET A 53 -11.22 -2.09 11.36
C MET A 53 -11.26 -0.87 12.28
N SER A 54 -10.10 -0.30 12.52
CA SER A 54 -9.97 0.88 13.38
C SER A 54 -10.44 2.14 12.66
N LYS A 55 -10.43 3.25 13.37
CA LYS A 55 -10.86 4.52 12.79
C LYS A 55 -9.93 4.90 11.64
N LYS A 56 -8.63 4.66 11.83
CA LYS A 56 -7.65 4.97 10.81
C LYS A 56 -7.92 4.14 9.56
N MET A 57 -8.30 2.88 9.75
CA MET A 57 -8.61 2.01 8.61
C MET A 57 -9.76 2.60 7.82
N GLU A 58 -10.75 3.14 8.54
CA GLU A 58 -11.90 3.74 7.89
C GLU A 58 -11.47 4.91 7.01
N GLU A 59 -10.45 5.64 7.46
CA GLU A 59 -9.95 6.78 6.70
C GLU A 59 -9.37 6.31 5.38
N VAL A 60 -8.59 5.23 5.46
CA VAL A 60 -7.97 4.65 4.28
C VAL A 60 -9.05 4.13 3.33
N LYS A 61 -10.03 3.44 3.90
CA LYS A 61 -11.13 2.90 3.12
C LYS A 61 -11.91 4.03 2.45
N ALA A 62 -12.21 5.07 3.21
CA ALA A 62 -12.97 6.21 2.70
C ALA A 62 -12.09 7.08 1.80
N ALA A 63 -10.78 6.82 1.84
CA ALA A 63 -9.83 7.57 1.03
C ALA A 63 -9.65 6.90 -0.32
N ASN A 64 -10.25 5.73 -0.46
CA ASN A 64 -10.17 4.98 -1.71
C ASN A 64 -8.72 4.63 -2.02
N VAL A 65 -8.05 3.99 -1.06
CA VAL A 65 -6.66 3.59 -1.22
C VAL A 65 -6.52 2.09 -1.02
N ARG A 66 -5.94 1.40 -1.99
CA ARG A 66 -5.77 -0.03 -1.85
C ARG A 66 -4.73 -0.32 -0.78
N VAL A 67 -4.92 -1.44 -0.09
CA VAL A 67 -4.02 -1.84 0.97
C VAL A 67 -3.27 -3.10 0.56
N VAL A 68 -1.95 -3.07 0.74
CA VAL A 68 -1.11 -4.22 0.39
C VAL A 68 -0.19 -4.56 1.55
N CYS A 69 0.33 -5.77 1.54
CA CYS A 69 1.23 -6.22 2.60
C CYS A 69 2.64 -5.64 2.41
N GLU A 70 3.35 -5.47 3.51
CA GLU A 70 4.70 -4.89 3.47
C GLU A 70 5.66 -5.79 2.71
N ASP A 71 5.43 -7.10 2.76
CA ASP A 71 6.31 -8.02 2.06
C ASP A 71 6.33 -7.68 0.58
N PHE A 72 5.41 -6.81 0.19
CA PHE A 72 5.34 -6.34 -1.19
C PHE A 72 6.65 -5.68 -1.57
N LEU A 73 7.17 -4.89 -0.65
CA LEU A 73 8.42 -4.19 -0.87
C LEU A 73 9.52 -5.20 -1.13
N GLN A 74 9.51 -6.28 -0.35
CA GLN A 74 10.52 -7.33 -0.50
C GLN A 74 10.34 -8.02 -1.85
N ASP A 75 9.08 -8.22 -2.25
CA ASP A 75 8.78 -8.89 -3.50
C ASP A 75 9.36 -8.16 -4.71
N VAL A 76 9.14 -6.85 -4.78
CA VAL A 76 9.69 -6.09 -5.90
C VAL A 76 11.20 -6.01 -5.77
N SER A 77 11.66 -5.89 -4.53
CA SER A 77 13.09 -5.79 -4.27
C SER A 77 13.82 -7.03 -4.74
N ALA A 78 13.25 -8.21 -4.46
CA ALA A 78 13.88 -9.47 -4.88
C ALA A 78 13.39 -9.87 -6.27
N SER A 79 12.10 -10.15 -6.36
CA SER A 79 11.49 -10.55 -7.63
C SER A 79 11.18 -9.33 -8.48
N ALA A 80 10.88 -9.55 -9.76
CA ALA A 80 10.56 -8.45 -10.67
C ALA A 80 9.41 -8.83 -11.61
N LYS A 81 8.38 -9.48 -11.06
CA LYS A 81 7.23 -9.88 -11.85
C LYS A 81 6.39 -8.68 -12.24
N SER A 82 5.20 -8.97 -12.74
CA SER A 82 4.29 -7.92 -13.17
C SER A 82 3.71 -7.19 -11.96
N LEU A 83 3.51 -5.89 -12.12
CA LEU A 83 2.98 -5.06 -11.05
C LEU A 83 1.56 -5.52 -10.71
N GLN A 84 0.79 -5.77 -11.76
CA GLN A 84 -0.59 -6.20 -11.60
C GLN A 84 -0.67 -7.56 -10.92
N GLU A 85 0.23 -8.45 -11.29
CA GLU A 85 0.25 -9.80 -10.72
C GLU A 85 0.57 -9.77 -9.23
N LEU A 86 1.52 -8.91 -8.85
CA LEU A 86 1.92 -8.80 -7.45
C LEU A 86 0.77 -8.33 -6.56
N LEU A 87 0.01 -7.34 -7.03
CA LEU A 87 -1.10 -6.83 -6.23
C LEU A 87 -2.34 -7.71 -6.40
N SER A 88 -2.26 -8.66 -7.32
CA SER A 88 -3.38 -9.57 -7.56
C SER A 88 -3.56 -10.52 -6.39
N ALA A 89 -2.45 -10.92 -5.77
CA ALA A 89 -2.49 -11.87 -4.65
C ALA A 89 -2.14 -11.19 -3.32
N HIS A 90 -1.14 -10.32 -3.34
CA HIS A 90 -0.69 -9.65 -2.13
C HIS A 90 -1.76 -8.71 -1.58
N SER A 91 -2.49 -8.07 -2.48
CA SER A 91 -3.50 -7.12 -2.08
C SER A 91 -4.47 -7.73 -1.09
N LEU A 92 -4.57 -7.04 0.01
CA LEU A 92 -5.45 -7.43 1.10
C LEU A 92 -6.78 -6.69 0.98
N SER A 93 -6.86 -5.76 0.01
CA SER A 93 -8.09 -4.98 -0.21
C SER A 93 -8.43 -4.92 -1.70
N SER A 94 -9.73 -4.80 -1.99
CA SER A 94 -10.21 -4.76 -3.39
C SER A 94 -10.56 -3.33 -3.82
N TRP A 95 -10.39 -2.36 -2.91
CA TRP A 95 -10.69 -0.96 -3.22
C TRP A 95 -9.42 -0.17 -3.48
N GLY A 96 -9.57 1.03 -4.06
CA GLY A 96 -8.41 1.87 -4.38
C GLY A 96 -8.51 2.41 -5.80
N ALA A 97 -9.49 3.29 -6.03
CA ALA A 97 -9.67 3.86 -7.36
C ALA A 97 -9.87 2.76 -8.39
N GLU A 98 -10.93 2.01 -8.22
CA GLU A 98 -11.24 0.92 -9.14
C GLU A 98 -11.54 1.46 -10.52
N VAL A 99 -12.11 2.64 -10.53
CA VAL A 99 -12.48 3.34 -11.76
C VAL A 99 -11.78 4.68 -11.82
N LYS A 100 -11.11 4.95 -12.94
CA LYS A 100 -10.37 6.19 -13.12
C LYS A 100 -11.08 7.12 -14.10
N HIS A 101 -11.94 6.54 -14.94
CA HIS A 101 -12.69 7.32 -15.93
C HIS A 101 -14.07 6.72 -16.16
N HIS A 102 -14.89 6.73 -15.11
CA HIS A 102 -16.26 6.22 -15.19
C HIS A 102 -17.20 7.14 -14.43
N HIS A 103 -18.39 7.38 -15.00
CA HIS A 103 -19.38 8.25 -14.36
C HIS A 103 -20.44 7.41 -13.65
N HIS A 104 -20.37 7.38 -12.31
CA HIS A 104 -21.34 6.63 -11.50
C HIS A 104 -22.19 7.60 -10.69
N HIS A 105 -21.84 8.88 -10.77
CA HIS A 105 -22.57 9.91 -10.05
C HIS A 105 -23.94 10.15 -10.69
N HIS A 106 -24.81 10.85 -9.97
CA HIS A 106 -26.16 11.14 -10.47
C HIS A 106 -26.49 12.62 -10.30
N MET A 1 12.21 -2.18 -11.98
CA MET A 1 12.92 -0.87 -11.82
C MET A 1 11.92 0.23 -11.47
N LYS A 2 12.30 1.09 -10.55
CA LYS A 2 11.42 2.19 -10.15
C LYS A 2 10.03 1.68 -9.82
N PRO A 3 9.92 0.66 -9.00
CA PRO A 3 8.60 0.06 -8.65
C PRO A 3 7.74 1.00 -7.80
N LEU A 4 8.39 1.72 -6.87
CA LEU A 4 7.67 2.62 -5.97
C LEU A 4 7.94 4.09 -6.28
N SER A 5 8.92 4.32 -7.16
CA SER A 5 9.31 5.68 -7.52
C SER A 5 8.19 6.44 -8.24
N ASN A 6 7.22 5.72 -8.78
CA ASN A 6 6.11 6.35 -9.50
C ASN A 6 4.85 6.45 -8.64
N MET A 7 5.01 6.22 -7.34
CA MET A 7 3.87 6.28 -6.43
C MET A 7 4.30 6.66 -5.01
N LYS A 8 3.35 7.21 -4.25
CA LYS A 8 3.58 7.59 -2.86
C LYS A 8 3.00 6.48 -1.97
N ILE A 9 3.60 6.30 -0.80
CA ILE A 9 3.17 5.23 0.12
C ILE A 9 2.68 5.80 1.46
N LEU A 10 1.61 5.17 1.99
CA LEU A 10 1.02 5.59 3.26
C LEU A 10 1.14 4.51 4.33
N THR A 11 1.55 4.92 5.52
CA THR A 11 1.65 4.00 6.66
C THR A 11 0.49 4.26 7.62
N LEU A 12 -0.35 3.25 7.81
CA LEU A 12 -1.51 3.40 8.68
C LEU A 12 -1.09 3.67 10.12
N GLY A 13 -0.06 2.96 10.58
CA GLY A 13 0.43 3.12 11.95
C GLY A 13 1.53 2.12 12.26
N LYS A 14 1.14 0.97 12.80
CA LYS A 14 2.09 -0.08 13.15
C LYS A 14 2.75 -0.67 11.91
N LEU A 15 4.08 -0.80 11.98
CA LEU A 15 4.86 -1.35 10.86
C LEU A 15 5.61 -2.61 11.29
N SER A 16 5.54 -3.64 10.45
CA SER A 16 6.19 -4.93 10.74
C SER A 16 7.72 -4.80 10.87
N GLN A 17 8.41 -4.75 9.75
CA GLN A 17 9.87 -4.67 9.76
C GLN A 17 10.37 -3.44 10.51
N ASN A 18 11.69 -3.31 10.57
CA ASN A 18 12.32 -2.20 11.29
C ASN A 18 12.11 -0.87 10.57
N LYS A 19 12.10 0.19 11.35
CA LYS A 19 11.94 1.53 10.83
C LYS A 19 13.09 1.89 9.89
N ASP A 20 14.31 1.64 10.33
CA ASP A 20 15.46 1.99 9.51
C ASP A 20 15.45 1.21 8.20
N GLU A 21 15.09 -0.07 8.27
CA GLU A 21 15.05 -0.91 7.07
C GLU A 21 13.92 -0.48 6.14
N ALA A 22 12.78 -0.11 6.71
CA ALA A 22 11.62 0.28 5.92
C ALA A 22 11.88 1.56 5.12
N LYS A 23 12.24 2.62 5.84
CA LYS A 23 12.50 3.92 5.21
C LYS A 23 13.69 3.85 4.26
N ALA A 24 14.73 3.15 4.66
CA ALA A 24 15.91 3.02 3.82
C ALA A 24 15.59 2.29 2.52
N MET A 25 14.90 1.15 2.62
CA MET A 25 14.58 0.38 1.43
C MET A 25 13.56 1.10 0.53
N ILE A 26 12.56 1.74 1.13
CA ILE A 26 11.54 2.44 0.36
C ILE A 26 12.14 3.59 -0.46
N GLU A 27 13.02 4.38 0.16
CA GLU A 27 13.65 5.49 -0.55
C GLU A 27 14.63 4.98 -1.61
N LYS A 28 15.20 3.81 -1.38
CA LYS A 28 16.15 3.23 -2.34
C LYS A 28 15.49 2.96 -3.68
N LEU A 29 14.29 2.38 -3.64
CA LEU A 29 13.54 2.09 -4.86
C LEU A 29 13.20 3.40 -5.54
N GLY A 30 12.88 4.37 -4.69
CA GLY A 30 12.46 5.69 -5.11
C GLY A 30 11.12 5.95 -4.47
N GLY A 31 10.63 4.95 -3.74
CA GLY A 31 9.36 5.08 -3.06
C GLY A 31 9.44 6.20 -2.04
N LYS A 32 8.30 6.82 -1.74
CA LYS A 32 8.24 7.93 -0.79
C LYS A 32 7.07 7.78 0.19
N LEU A 33 7.24 8.38 1.37
CA LEU A 33 6.23 8.33 2.41
C LEU A 33 5.74 9.72 2.77
N THR A 34 4.48 10.02 2.46
CA THR A 34 3.90 11.34 2.78
C THR A 34 2.41 11.36 2.45
N GLY A 35 1.67 12.24 3.14
CA GLY A 35 0.23 12.40 2.91
C GLY A 35 -0.61 11.75 3.99
N SER A 36 -1.75 12.38 4.28
CA SER A 36 -2.67 11.86 5.30
C SER A 36 -3.57 10.76 4.74
N ALA A 37 -4.09 10.96 3.52
CA ALA A 37 -4.95 9.95 2.90
C ALA A 37 -5.21 10.29 1.42
N ASN A 38 -5.46 9.23 0.65
CA ASN A 38 -5.74 9.34 -0.78
C ASN A 38 -4.62 10.03 -1.54
N LYS A 39 -3.59 10.48 -0.83
CA LYS A 39 -2.44 11.13 -1.48
C LYS A 39 -1.41 10.07 -1.86
N ALA A 40 -1.59 8.87 -1.33
CA ALA A 40 -0.70 7.75 -1.59
C ALA A 40 -1.34 6.79 -2.59
N SER A 41 -0.61 5.74 -2.99
CA SER A 41 -1.16 4.77 -3.94
C SER A 41 -1.45 3.46 -3.22
N LEU A 42 -0.42 2.92 -2.56
CA LEU A 42 -0.54 1.67 -1.80
C LEU A 42 -0.29 1.95 -0.33
N CYS A 43 -1.28 1.66 0.50
CA CYS A 43 -1.16 1.85 1.94
C CYS A 43 -0.52 0.60 2.55
N ILE A 44 0.38 0.79 3.51
CA ILE A 44 1.06 -0.34 4.13
C ILE A 44 0.29 -0.82 5.35
N SER A 45 -0.28 -2.01 5.22
CA SER A 45 -1.05 -2.60 6.30
C SER A 45 -1.28 -4.08 6.02
N THR A 46 -1.00 -4.91 7.01
CA THR A 46 -1.18 -6.35 6.87
C THR A 46 -2.63 -6.74 7.12
N LYS A 47 -2.97 -7.97 6.79
CA LYS A 47 -4.33 -8.44 6.97
C LYS A 47 -4.71 -8.33 8.45
N LYS A 48 -3.77 -8.64 9.32
CA LYS A 48 -4.03 -8.58 10.75
C LYS A 48 -4.47 -7.17 11.14
N GLU A 49 -3.79 -6.17 10.58
CA GLU A 49 -4.13 -4.78 10.84
C GLU A 49 -5.50 -4.44 10.27
N VAL A 50 -5.82 -5.00 9.11
CA VAL A 50 -7.11 -4.75 8.49
C VAL A 50 -8.23 -5.36 9.33
N GLU A 51 -8.00 -6.59 9.80
CA GLU A 51 -9.00 -7.29 10.60
C GLU A 51 -9.41 -6.45 11.80
N LYS A 52 -8.59 -5.46 12.12
CA LYS A 52 -8.86 -4.58 13.25
C LYS A 52 -10.15 -3.82 12.99
N MET A 53 -10.30 -3.35 11.75
CA MET A 53 -11.47 -2.59 11.36
C MET A 53 -11.68 -1.41 12.31
N SER A 54 -10.59 -0.71 12.61
CA SER A 54 -10.64 0.44 13.50
C SER A 54 -10.97 1.70 12.71
N LYS A 55 -11.08 2.83 13.42
CA LYS A 55 -11.39 4.09 12.78
C LYS A 55 -10.29 4.48 11.79
N LYS A 56 -9.05 4.18 12.16
CA LYS A 56 -7.90 4.51 11.31
C LYS A 56 -8.04 3.79 9.97
N MET A 57 -8.47 2.53 10.01
CA MET A 57 -8.65 1.75 8.79
C MET A 57 -9.72 2.36 7.91
N GLU A 58 -10.77 2.86 8.53
CA GLU A 58 -11.87 3.47 7.79
C GLU A 58 -11.36 4.64 6.96
N GLU A 59 -10.33 5.33 7.46
CA GLU A 59 -9.79 6.48 6.73
C GLU A 59 -9.16 6.00 5.43
N VAL A 60 -8.41 4.91 5.50
CA VAL A 60 -7.76 4.35 4.32
C VAL A 60 -8.84 3.95 3.33
N LYS A 61 -9.85 3.30 3.87
CA LYS A 61 -10.99 2.83 3.10
C LYS A 61 -11.76 3.98 2.45
N ALA A 62 -12.02 5.03 3.23
CA ALA A 62 -12.75 6.20 2.72
C ALA A 62 -11.82 7.07 1.89
N ALA A 63 -10.52 6.77 1.99
CA ALA A 63 -9.51 7.51 1.26
C ALA A 63 -9.31 6.90 -0.12
N ASN A 64 -9.97 5.76 -0.33
CA ASN A 64 -9.88 5.06 -1.60
C ASN A 64 -8.44 4.73 -1.94
N VAL A 65 -7.74 4.06 -1.03
CA VAL A 65 -6.36 3.66 -1.26
C VAL A 65 -6.24 2.16 -1.05
N ARG A 66 -5.74 1.46 -2.04
CA ARG A 66 -5.59 0.01 -1.93
C ARG A 66 -4.63 -0.32 -0.80
N VAL A 67 -4.87 -1.44 -0.13
CA VAL A 67 -4.03 -1.89 0.97
C VAL A 67 -3.34 -3.20 0.62
N VAL A 68 -2.03 -3.23 0.84
CA VAL A 68 -1.24 -4.41 0.56
C VAL A 68 -0.31 -4.69 1.73
N CYS A 69 0.18 -5.91 1.83
CA CYS A 69 1.08 -6.26 2.91
C CYS A 69 2.45 -5.66 2.62
N GLU A 70 3.20 -5.38 3.67
CA GLU A 70 4.51 -4.76 3.51
C GLU A 70 5.46 -5.70 2.76
N ASP A 71 5.28 -7.00 2.98
CA ASP A 71 6.11 -7.99 2.29
C ASP A 71 6.19 -7.64 0.81
N PHE A 72 5.26 -6.79 0.37
CA PHE A 72 5.21 -6.32 -1.00
C PHE A 72 6.53 -5.65 -1.36
N LEU A 73 7.06 -4.88 -0.42
CA LEU A 73 8.30 -4.14 -0.65
C LEU A 73 9.42 -5.10 -1.02
N GLN A 74 9.48 -6.23 -0.30
CA GLN A 74 10.50 -7.23 -0.57
C GLN A 74 10.23 -7.92 -1.90
N ASP A 75 8.95 -8.08 -2.21
CA ASP A 75 8.54 -8.76 -3.45
C ASP A 75 9.01 -8.02 -4.69
N VAL A 76 8.76 -6.72 -4.78
CA VAL A 76 9.18 -5.97 -5.95
C VAL A 76 10.70 -5.93 -6.02
N SER A 77 11.33 -5.78 -4.86
CA SER A 77 12.79 -5.73 -4.78
C SER A 77 13.42 -7.02 -5.25
N ALA A 78 12.82 -8.15 -4.87
CA ALA A 78 13.35 -9.47 -5.23
C ALA A 78 12.65 -10.04 -6.46
N SER A 79 11.37 -10.37 -6.30
CA SER A 79 10.60 -10.97 -7.38
C SER A 79 10.53 -10.02 -8.58
N ALA A 80 10.23 -8.76 -8.31
CA ALA A 80 10.15 -7.74 -9.37
C ALA A 80 9.41 -8.23 -10.61
N LYS A 81 8.29 -8.92 -10.41
CA LYS A 81 7.49 -9.42 -11.54
C LYS A 81 6.54 -8.35 -12.02
N SER A 82 5.54 -8.79 -12.74
CA SER A 82 4.51 -7.89 -13.25
C SER A 82 3.78 -7.23 -12.08
N LEU A 83 3.45 -5.96 -12.25
CA LEU A 83 2.78 -5.21 -11.20
C LEU A 83 1.42 -5.81 -10.89
N GLN A 84 0.70 -6.14 -11.94
CA GLN A 84 -0.66 -6.70 -11.80
C GLN A 84 -0.64 -8.05 -11.08
N GLU A 85 0.32 -8.90 -11.41
CA GLU A 85 0.40 -10.21 -10.78
C GLU A 85 0.69 -10.09 -9.29
N LEU A 86 1.54 -9.13 -8.94
CA LEU A 86 1.90 -8.93 -7.53
C LEU A 86 0.70 -8.52 -6.69
N LEU A 87 -0.14 -7.61 -7.21
CA LEU A 87 -1.29 -7.16 -6.44
C LEU A 87 -2.46 -8.14 -6.58
N SER A 88 -2.34 -9.07 -7.52
CA SER A 88 -3.37 -10.08 -7.72
C SER A 88 -3.53 -10.94 -6.48
N ALA A 89 -2.40 -11.29 -5.87
CA ALA A 89 -2.41 -12.15 -4.67
C ALA A 89 -2.18 -11.36 -3.39
N HIS A 90 -1.27 -10.40 -3.43
CA HIS A 90 -0.95 -9.61 -2.25
C HIS A 90 -2.13 -8.76 -1.81
N SER A 91 -2.83 -8.16 -2.76
CA SER A 91 -3.96 -7.29 -2.46
C SER A 91 -4.82 -7.85 -1.34
N LEU A 92 -4.74 -7.17 -0.23
CA LEU A 92 -5.51 -7.51 0.97
C LEU A 92 -6.83 -6.76 0.93
N SER A 93 -7.01 -5.93 -0.10
CA SER A 93 -8.23 -5.13 -0.23
C SER A 93 -8.71 -5.08 -1.68
N SER A 94 -9.96 -4.67 -1.88
CA SER A 94 -10.55 -4.58 -3.22
C SER A 94 -11.03 -3.15 -3.52
N TRP A 95 -10.28 -2.16 -3.04
CA TRP A 95 -10.64 -0.75 -3.27
C TRP A 95 -9.38 0.07 -3.57
N GLY A 96 -9.56 1.29 -4.06
CA GLY A 96 -8.43 2.14 -4.42
C GLY A 96 -8.77 3.07 -5.57
N ALA A 97 -9.80 3.87 -5.39
CA ALA A 97 -10.23 4.83 -6.41
C ALA A 97 -10.96 4.14 -7.56
N GLU A 98 -12.14 3.59 -7.26
CA GLU A 98 -12.95 2.91 -8.28
C GLU A 98 -14.43 2.96 -7.89
N VAL A 99 -15.30 2.73 -8.87
CA VAL A 99 -16.75 2.74 -8.66
C VAL A 99 -17.12 2.33 -7.26
N LYS A 100 -18.01 3.10 -6.67
CA LYS A 100 -18.46 2.88 -5.31
C LYS A 100 -19.91 2.45 -5.29
N HIS A 101 -20.35 1.90 -4.16
CA HIS A 101 -21.72 1.45 -4.04
C HIS A 101 -22.67 2.64 -4.00
N HIS A 102 -22.46 3.60 -4.90
CA HIS A 102 -23.31 4.78 -4.93
C HIS A 102 -24.68 4.43 -5.50
N HIS A 103 -25.70 4.47 -4.64
CA HIS A 103 -27.05 4.15 -5.06
C HIS A 103 -28.06 4.61 -4.01
N HIS A 104 -27.56 5.33 -3.01
CA HIS A 104 -28.42 5.81 -1.92
C HIS A 104 -29.20 7.05 -2.36
N HIS A 105 -30.46 7.12 -1.96
CA HIS A 105 -31.30 8.26 -2.32
C HIS A 105 -31.04 9.44 -1.40
N HIS A 106 -30.45 9.19 -0.23
CA HIS A 106 -30.16 10.24 0.72
C HIS A 106 -29.24 11.29 0.11
N MET A 1 13.81 -1.54 -12.19
CA MET A 1 12.48 -2.06 -11.75
C MET A 1 11.50 -0.90 -11.66
N LYS A 2 11.83 0.08 -10.83
CA LYS A 2 10.99 1.26 -10.64
C LYS A 2 9.57 0.86 -10.24
N PRO A 3 9.43 0.23 -9.10
CA PRO A 3 8.09 -0.21 -8.60
C PRO A 3 7.34 0.91 -7.87
N LEU A 4 7.99 1.53 -6.89
CA LEU A 4 7.37 2.60 -6.11
C LEU A 4 7.78 3.99 -6.60
N SER A 5 8.57 4.02 -7.66
CA SER A 5 9.05 5.29 -8.22
C SER A 5 7.93 6.11 -8.85
N ASN A 6 6.94 5.42 -9.40
CA ASN A 6 5.82 6.09 -10.09
C ASN A 6 4.61 6.28 -9.17
N MET A 7 4.78 6.05 -7.87
CA MET A 7 3.66 6.19 -6.94
C MET A 7 4.12 6.60 -5.55
N LYS A 8 3.14 6.97 -4.71
CA LYS A 8 3.41 7.39 -3.33
C LYS A 8 3.15 6.23 -2.36
N ILE A 9 3.61 6.40 -1.12
CA ILE A 9 3.46 5.37 -0.09
C ILE A 9 3.06 5.97 1.26
N LEU A 10 2.30 5.17 2.03
CA LEU A 10 1.86 5.58 3.38
C LEU A 10 2.02 4.40 4.35
N THR A 11 2.40 4.71 5.59
CA THR A 11 2.59 3.68 6.62
C THR A 11 1.55 3.82 7.73
N LEU A 12 0.88 2.72 8.07
CA LEU A 12 -0.15 2.72 9.12
C LEU A 12 0.20 1.68 10.20
N GLY A 13 0.17 2.11 11.45
CA GLY A 13 0.46 1.22 12.57
C GLY A 13 1.89 0.72 12.53
N LYS A 14 2.09 -0.55 12.89
CA LYS A 14 3.41 -1.16 12.90
C LYS A 14 3.44 -2.38 11.97
N LEU A 15 4.62 -2.71 11.48
CA LEU A 15 4.79 -3.86 10.58
C LEU A 15 6.02 -4.68 10.99
N SER A 16 6.35 -5.72 10.21
CA SER A 16 7.49 -6.56 10.55
C SER A 16 8.78 -5.74 10.61
N GLN A 17 8.96 -4.87 9.63
CA GLN A 17 10.13 -4.00 9.61
C GLN A 17 10.08 -3.07 10.82
N ASN A 18 11.22 -2.50 11.19
CA ASN A 18 11.24 -1.60 12.34
C ASN A 18 10.54 -0.30 12.02
N LYS A 19 11.27 0.63 11.41
CA LYS A 19 10.71 1.92 11.05
C LYS A 19 11.69 2.68 10.18
N ASP A 20 12.88 2.92 10.70
CA ASP A 20 13.89 3.64 9.96
C ASP A 20 14.29 2.85 8.72
N GLU A 21 14.43 1.54 8.89
CA GLU A 21 14.83 0.65 7.81
C GLU A 21 13.74 0.58 6.74
N ALA A 22 12.50 0.50 7.21
CA ALA A 22 11.37 0.41 6.30
C ALA A 22 11.36 1.62 5.37
N LYS A 23 11.50 2.79 5.97
CA LYS A 23 11.52 4.03 5.22
C LYS A 23 12.71 4.07 4.27
N ALA A 24 13.87 3.64 4.77
CA ALA A 24 15.08 3.65 3.96
C ALA A 24 14.92 2.73 2.74
N MET A 25 14.31 1.58 2.95
CA MET A 25 14.10 0.64 1.85
C MET A 25 13.11 1.22 0.84
N ILE A 26 12.06 1.87 1.34
CA ILE A 26 11.05 2.45 0.48
C ILE A 26 11.64 3.55 -0.40
N GLU A 27 12.46 4.40 0.19
CA GLU A 27 13.09 5.49 -0.55
C GLU A 27 14.08 4.93 -1.56
N LYS A 28 14.69 3.81 -1.22
CA LYS A 28 15.66 3.18 -2.11
C LYS A 28 15.02 2.83 -3.46
N LEU A 29 13.80 2.30 -3.40
CA LEU A 29 13.08 1.93 -4.62
C LEU A 29 12.82 3.18 -5.45
N GLY A 30 12.47 4.23 -4.72
CA GLY A 30 12.10 5.50 -5.32
C GLY A 30 10.79 5.94 -4.71
N GLY A 31 10.26 5.07 -3.85
CA GLY A 31 9.00 5.34 -3.17
C GLY A 31 9.14 6.54 -2.25
N LYS A 32 8.05 7.29 -2.10
CA LYS A 32 8.05 8.48 -1.24
C LYS A 32 6.98 8.36 -0.16
N LEU A 33 7.20 9.04 0.96
CA LEU A 33 6.26 9.01 2.07
C LEU A 33 5.36 10.23 2.02
N THR A 34 4.04 9.99 2.02
CA THR A 34 3.06 11.07 1.94
C THR A 34 2.08 10.98 3.10
N GLY A 35 1.85 12.10 3.77
CA GLY A 35 0.92 12.12 4.89
C GLY A 35 -0.52 12.01 4.39
N SER A 36 -1.43 12.79 4.98
CA SER A 36 -2.83 12.74 4.57
C SER A 36 -3.31 11.29 4.43
N ALA A 37 -3.87 10.94 3.28
CA ALA A 37 -4.35 9.59 3.06
C ALA A 37 -4.52 9.28 1.57
N ASN A 38 -5.56 9.84 0.95
CA ASN A 38 -5.83 9.58 -0.46
C ASN A 38 -4.67 10.00 -1.35
N LYS A 39 -3.90 10.99 -0.91
CA LYS A 39 -2.77 11.43 -1.71
C LYS A 39 -1.83 10.24 -1.95
N ALA A 40 -1.72 9.39 -0.94
CA ALA A 40 -0.88 8.20 -1.05
C ALA A 40 -1.52 7.22 -2.03
N SER A 41 -0.73 6.28 -2.56
CA SER A 41 -1.28 5.32 -3.53
C SER A 41 -1.49 3.97 -2.86
N LEU A 42 -0.46 3.50 -2.17
CA LEU A 42 -0.52 2.20 -1.52
C LEU A 42 -0.08 2.32 -0.06
N CYS A 43 -0.99 1.95 0.84
CA CYS A 43 -0.70 1.95 2.27
C CYS A 43 -0.15 0.59 2.67
N ILE A 44 0.79 0.57 3.61
CA ILE A 44 1.37 -0.69 4.07
C ILE A 44 0.70 -1.15 5.34
N SER A 45 0.01 -2.27 5.24
CA SER A 45 -0.68 -2.85 6.38
C SER A 45 -0.91 -4.34 6.17
N THR A 46 -0.92 -5.10 7.26
CA THR A 46 -1.12 -6.54 7.20
C THR A 46 -2.58 -6.90 7.35
N LYS A 47 -2.93 -8.13 7.03
CA LYS A 47 -4.29 -8.59 7.15
C LYS A 47 -4.70 -8.51 8.63
N LYS A 48 -3.75 -8.81 9.50
CA LYS A 48 -4.00 -8.77 10.94
C LYS A 48 -4.38 -7.34 11.36
N GLU A 49 -4.21 -6.39 10.46
CA GLU A 49 -4.54 -4.99 10.74
C GLU A 49 -5.82 -4.61 9.99
N VAL A 50 -5.98 -5.15 8.80
CA VAL A 50 -7.16 -4.87 7.99
C VAL A 50 -8.40 -5.45 8.65
N GLU A 51 -8.28 -6.66 9.17
CA GLU A 51 -9.41 -7.33 9.82
C GLU A 51 -9.91 -6.51 10.99
N LYS A 52 -9.02 -5.71 11.55
CA LYS A 52 -9.35 -4.88 12.69
C LYS A 52 -10.42 -3.87 12.31
N MET A 53 -10.26 -3.27 11.13
CA MET A 53 -11.20 -2.25 10.68
C MET A 53 -11.34 -1.16 11.71
N SER A 54 -10.19 -0.68 12.21
CA SER A 54 -10.18 0.38 13.21
C SER A 54 -10.55 1.71 12.57
N LYS A 55 -10.59 2.76 13.39
CA LYS A 55 -10.94 4.09 12.90
C LYS A 55 -9.92 4.56 11.86
N LYS A 56 -8.64 4.28 12.14
CA LYS A 56 -7.57 4.66 11.23
C LYS A 56 -7.76 3.94 9.90
N MET A 57 -8.15 2.67 9.98
CA MET A 57 -8.38 1.86 8.79
C MET A 57 -9.48 2.50 7.95
N GLU A 58 -10.52 2.99 8.60
CA GLU A 58 -11.63 3.62 7.90
C GLU A 58 -11.13 4.82 7.09
N GLU A 59 -10.16 5.54 7.63
CA GLU A 59 -9.61 6.70 6.94
C GLU A 59 -9.02 6.26 5.60
N VAL A 60 -8.27 5.17 5.63
CA VAL A 60 -7.65 4.63 4.43
C VAL A 60 -8.74 4.18 3.45
N LYS A 61 -9.73 3.47 3.98
CA LYS A 61 -10.84 2.97 3.16
C LYS A 61 -11.64 4.12 2.55
N ALA A 62 -11.94 5.12 3.36
CA ALA A 62 -12.70 6.28 2.89
C ALA A 62 -11.84 7.18 2.04
N ALA A 63 -10.51 6.96 2.09
CA ALA A 63 -9.58 7.76 1.32
C ALA A 63 -9.31 7.12 -0.03
N ASN A 64 -9.92 5.96 -0.26
CA ASN A 64 -9.75 5.26 -1.52
C ASN A 64 -8.28 4.97 -1.79
N VAL A 65 -7.63 4.28 -0.85
CA VAL A 65 -6.23 3.89 -1.00
C VAL A 65 -6.10 2.39 -0.84
N ARG A 66 -5.56 1.72 -1.84
CA ARG A 66 -5.43 0.28 -1.77
C ARG A 66 -4.39 -0.10 -0.71
N VAL A 67 -4.55 -1.28 -0.14
CA VAL A 67 -3.66 -1.78 0.92
C VAL A 67 -2.98 -3.07 0.49
N VAL A 68 -1.66 -3.16 0.75
CA VAL A 68 -0.88 -4.36 0.40
C VAL A 68 -0.01 -4.76 1.57
N CYS A 69 0.41 -6.01 1.60
CA CYS A 69 1.24 -6.50 2.67
C CYS A 69 2.68 -5.99 2.53
N GLU A 70 3.37 -5.95 3.65
CA GLU A 70 4.75 -5.49 3.72
C GLU A 70 5.67 -6.36 2.85
N ASP A 71 5.48 -7.67 2.93
CA ASP A 71 6.30 -8.59 2.14
C ASP A 71 6.34 -8.14 0.70
N PHE A 72 5.41 -7.27 0.32
CA PHE A 72 5.34 -6.73 -1.03
C PHE A 72 6.63 -6.01 -1.37
N LEU A 73 7.13 -5.23 -0.43
CA LEU A 73 8.35 -4.47 -0.67
C LEU A 73 9.49 -5.43 -1.01
N GLN A 74 9.55 -6.53 -0.29
CA GLN A 74 10.56 -7.53 -0.54
C GLN A 74 10.33 -8.21 -1.89
N ASP A 75 9.07 -8.43 -2.21
CA ASP A 75 8.72 -9.11 -3.47
C ASP A 75 9.17 -8.31 -4.69
N VAL A 76 8.84 -7.02 -4.74
CA VAL A 76 9.25 -6.22 -5.89
C VAL A 76 10.77 -6.09 -5.90
N SER A 77 11.34 -5.91 -4.71
CA SER A 77 12.79 -5.77 -4.58
C SER A 77 13.51 -7.01 -5.08
N ALA A 78 13.00 -8.18 -4.70
CA ALA A 78 13.59 -9.45 -5.11
C ALA A 78 12.94 -9.97 -6.39
N SER A 79 11.68 -10.39 -6.27
CA SER A 79 10.96 -10.89 -7.43
C SER A 79 10.63 -9.73 -8.37
N ALA A 80 10.73 -9.96 -9.68
CA ALA A 80 10.46 -8.93 -10.67
C ALA A 80 9.62 -9.47 -11.81
N LYS A 81 8.36 -9.80 -11.51
CA LYS A 81 7.43 -10.33 -12.51
C LYS A 81 6.32 -9.33 -12.76
N SER A 82 5.14 -9.81 -13.08
CA SER A 82 4.02 -8.93 -13.37
C SER A 82 3.61 -8.12 -12.13
N LEU A 83 3.50 -6.82 -12.32
CA LEU A 83 3.10 -5.92 -11.25
C LEU A 83 1.67 -6.22 -10.84
N GLN A 84 0.86 -6.45 -11.86
CA GLN A 84 -0.54 -6.74 -11.67
C GLN A 84 -0.74 -8.03 -10.91
N GLU A 85 0.07 -9.03 -11.23
CA GLU A 85 -0.05 -10.32 -10.57
C GLU A 85 0.34 -10.20 -9.10
N LEU A 86 1.35 -9.40 -8.81
CA LEU A 86 1.81 -9.21 -7.44
C LEU A 86 0.73 -8.58 -6.58
N LEU A 87 0.06 -7.56 -7.11
CA LEU A 87 -1.01 -6.89 -6.34
C LEU A 87 -2.32 -7.63 -6.50
N SER A 88 -2.35 -8.59 -7.41
CA SER A 88 -3.56 -9.39 -7.63
C SER A 88 -3.90 -10.18 -6.37
N ALA A 89 -2.87 -10.77 -5.75
CA ALA A 89 -3.06 -11.59 -4.55
C ALA A 89 -2.63 -10.86 -3.28
N HIS A 90 -1.48 -10.19 -3.34
CA HIS A 90 -0.95 -9.50 -2.17
C HIS A 90 -1.94 -8.44 -1.67
N SER A 91 -2.57 -7.71 -2.60
CA SER A 91 -3.51 -6.68 -2.22
C SER A 91 -4.60 -7.27 -1.37
N LEU A 92 -4.46 -7.05 -0.09
CA LEU A 92 -5.43 -7.51 0.87
C LEU A 92 -6.76 -6.81 0.61
N SER A 93 -6.68 -5.54 0.18
CA SER A 93 -7.88 -4.75 -0.09
C SER A 93 -8.33 -4.88 -1.55
N SER A 94 -9.55 -4.39 -1.81
CA SER A 94 -10.12 -4.40 -3.15
C SER A 94 -10.63 -3.00 -3.50
N TRP A 95 -9.94 -1.99 -2.97
CA TRP A 95 -10.31 -0.59 -3.21
C TRP A 95 -9.07 0.26 -3.45
N GLY A 96 -9.27 1.48 -3.95
CA GLY A 96 -8.17 2.37 -4.26
C GLY A 96 -8.50 3.21 -5.49
N ALA A 97 -9.49 4.10 -5.31
CA ALA A 97 -9.98 5.00 -6.36
C ALA A 97 -11.31 4.45 -6.91
N GLU A 98 -12.18 4.05 -5.99
CA GLU A 98 -13.47 3.49 -6.34
C GLU A 98 -14.51 4.62 -6.46
N VAL A 99 -15.78 4.25 -6.53
CA VAL A 99 -16.86 5.21 -6.64
C VAL A 99 -16.95 6.04 -5.37
N LYS A 100 -17.34 7.30 -5.53
CA LYS A 100 -17.45 8.23 -4.40
C LYS A 100 -18.88 8.73 -4.24
N HIS A 101 -19.41 8.56 -3.02
CA HIS A 101 -20.78 8.97 -2.68
C HIS A 101 -21.70 8.92 -3.89
N HIS A 102 -21.62 7.83 -4.64
CA HIS A 102 -22.45 7.67 -5.84
C HIS A 102 -23.93 7.64 -5.49
N HIS A 103 -24.30 6.83 -4.50
CA HIS A 103 -25.70 6.72 -4.10
C HIS A 103 -25.83 6.31 -2.64
N HIS A 104 -27.00 6.59 -2.07
CA HIS A 104 -27.30 6.24 -0.68
C HIS A 104 -26.28 6.83 0.30
N HIS A 105 -25.43 5.97 0.85
CA HIS A 105 -24.43 6.43 1.82
C HIS A 105 -23.18 5.56 1.75
N HIS A 106 -22.10 6.02 2.40
CA HIS A 106 -20.85 5.28 2.40
C HIS A 106 -21.06 3.91 3.03
N MET A 1 12.84 -3.69 -10.72
CA MET A 1 13.40 -2.46 -11.36
C MET A 1 12.34 -1.37 -11.29
N LYS A 2 12.79 -0.14 -10.97
CA LYS A 2 11.89 1.03 -10.85
C LYS A 2 10.46 0.60 -10.48
N PRO A 3 10.28 0.01 -9.33
CA PRO A 3 8.94 -0.46 -8.86
C PRO A 3 8.12 0.61 -8.13
N LEU A 4 8.68 1.16 -7.06
CA LEU A 4 7.99 2.17 -6.24
C LEU A 4 8.33 3.60 -6.68
N SER A 5 9.23 3.74 -7.63
CA SER A 5 9.66 5.07 -8.08
C SER A 5 8.57 5.85 -8.80
N ASN A 6 7.53 5.17 -9.25
CA ASN A 6 6.44 5.81 -9.98
C ASN A 6 5.17 5.90 -9.14
N MET A 7 5.31 5.87 -7.83
CA MET A 7 4.13 5.94 -6.96
C MET A 7 4.47 6.40 -5.54
N LYS A 8 3.45 6.87 -4.83
CA LYS A 8 3.61 7.33 -3.43
C LYS A 8 3.17 6.20 -2.48
N ILE A 9 3.70 6.23 -1.26
CA ILE A 9 3.39 5.20 -0.26
C ILE A 9 3.04 5.79 1.10
N LEU A 10 1.98 5.25 1.70
CA LEU A 10 1.51 5.68 3.01
C LEU A 10 1.68 4.58 4.03
N THR A 11 2.28 4.92 5.16
CA THR A 11 2.48 3.97 6.24
C THR A 11 1.35 4.13 7.25
N LEU A 12 0.74 3.03 7.65
CA LEU A 12 -0.38 3.09 8.58
C LEU A 12 0.03 2.59 9.96
N GLY A 13 -0.14 3.44 10.97
CA GLY A 13 0.21 3.08 12.34
C GLY A 13 1.41 2.15 12.40
N LYS A 14 1.25 1.03 13.11
CA LYS A 14 2.31 0.04 13.24
C LYS A 14 2.35 -0.88 12.03
N LEU A 15 3.54 -1.38 11.71
CA LEU A 15 3.72 -2.28 10.56
C LEU A 15 4.70 -3.40 10.91
N SER A 16 4.80 -4.40 10.04
CA SER A 16 5.69 -5.54 10.29
C SER A 16 7.15 -5.11 10.43
N GLN A 17 7.60 -4.20 9.57
CA GLN A 17 8.98 -3.74 9.65
C GLN A 17 9.24 -3.14 11.02
N ASN A 18 10.25 -2.25 11.07
CA ASN A 18 10.61 -1.57 12.31
C ASN A 18 10.24 -0.08 12.21
N LYS A 19 11.07 0.68 11.51
CA LYS A 19 10.83 2.10 11.33
C LYS A 19 11.93 2.72 10.46
N ASP A 20 13.18 2.40 10.75
CA ASP A 20 14.29 2.92 9.98
C ASP A 20 14.57 1.98 8.82
N GLU A 21 14.13 0.75 8.98
CA GLU A 21 14.32 -0.29 7.96
C GLU A 21 13.18 -0.25 6.94
N ALA A 22 12.13 0.52 7.24
CA ALA A 22 10.99 0.62 6.33
C ALA A 22 11.14 1.80 5.39
N LYS A 23 11.21 2.99 5.97
CA LYS A 23 11.34 4.22 5.19
C LYS A 23 12.63 4.23 4.39
N ALA A 24 13.72 3.75 4.98
CA ALA A 24 15.00 3.74 4.29
C ALA A 24 14.94 2.84 3.05
N MET A 25 14.34 1.67 3.19
CA MET A 25 14.23 0.73 2.07
C MET A 25 13.28 1.26 0.99
N ILE A 26 12.17 1.88 1.41
CA ILE A 26 11.20 2.41 0.47
C ILE A 26 11.80 3.51 -0.39
N GLU A 27 12.58 4.39 0.23
CA GLU A 27 13.23 5.48 -0.50
C GLU A 27 14.30 4.92 -1.44
N LYS A 28 14.91 3.81 -1.03
CA LYS A 28 15.97 3.19 -1.83
C LYS A 28 15.43 2.76 -3.21
N LEU A 29 14.25 2.17 -3.22
CA LEU A 29 13.66 1.72 -4.49
C LEU A 29 13.40 2.93 -5.37
N GLY A 30 12.91 3.96 -4.70
CA GLY A 30 12.54 5.20 -5.34
C GLY A 30 11.20 5.65 -4.77
N GLY A 31 10.67 4.81 -3.89
CA GLY A 31 9.39 5.09 -3.26
C GLY A 31 9.44 6.38 -2.46
N LYS A 32 8.26 6.96 -2.25
CA LYS A 32 8.15 8.20 -1.48
C LYS A 32 7.02 8.12 -0.47
N LEU A 33 7.15 8.98 0.55
CA LEU A 33 6.16 9.07 1.62
C LEU A 33 5.47 10.42 1.59
N THR A 34 4.13 10.40 1.63
CA THR A 34 3.36 11.64 1.62
C THR A 34 2.32 11.63 2.73
N GLY A 35 1.87 12.82 3.14
CA GLY A 35 0.88 12.92 4.21
C GLY A 35 -0.55 12.80 3.69
N SER A 36 -1.52 13.05 4.55
CA SER A 36 -2.93 12.95 4.14
C SER A 36 -3.26 11.53 3.70
N ALA A 37 -4.40 11.39 3.01
CA ALA A 37 -4.85 10.09 2.51
C ALA A 37 -5.34 10.24 1.07
N ASN A 38 -5.42 9.11 0.36
CA ASN A 38 -5.84 9.09 -1.04
C ASN A 38 -4.76 9.70 -1.93
N LYS A 39 -3.93 10.56 -1.36
CA LYS A 39 -2.83 11.17 -2.08
C LYS A 39 -1.83 10.07 -2.46
N ALA A 40 -1.71 9.10 -1.57
CA ALA A 40 -0.81 7.97 -1.76
C ALA A 40 -1.41 6.97 -2.73
N SER A 41 -0.64 5.94 -3.12
CA SER A 41 -1.14 4.93 -4.04
C SER A 41 -1.50 3.65 -3.29
N LEU A 42 -0.48 3.00 -2.75
CA LEU A 42 -0.67 1.78 -1.99
C LEU A 42 -0.26 1.97 -0.53
N CYS A 43 -1.19 1.69 0.37
CA CYS A 43 -0.95 1.81 1.81
C CYS A 43 -0.32 0.53 2.33
N ILE A 44 0.59 0.64 3.29
CA ILE A 44 1.24 -0.55 3.85
C ILE A 44 0.56 -0.99 5.13
N SER A 45 -0.12 -2.14 5.05
CA SER A 45 -0.80 -2.72 6.19
C SER A 45 -1.03 -4.21 5.95
N THR A 46 -1.05 -4.99 7.02
CA THR A 46 -1.28 -6.44 6.91
C THR A 46 -2.76 -6.75 7.08
N LYS A 47 -3.16 -7.96 6.70
CA LYS A 47 -4.56 -8.35 6.82
C LYS A 47 -4.99 -8.32 8.28
N LYS A 48 -4.08 -8.71 9.17
CA LYS A 48 -4.39 -8.73 10.58
C LYS A 48 -4.79 -7.33 11.04
N GLU A 49 -4.08 -6.33 10.54
CA GLU A 49 -4.36 -4.94 10.88
C GLU A 49 -5.75 -4.53 10.37
N VAL A 50 -6.07 -5.00 9.17
CA VAL A 50 -7.36 -4.69 8.54
C VAL A 50 -8.52 -5.24 9.36
N GLU A 51 -8.38 -6.48 9.83
CA GLU A 51 -9.44 -7.14 10.57
C GLU A 51 -9.91 -6.29 11.74
N LYS A 52 -9.00 -5.53 12.30
CA LYS A 52 -9.31 -4.69 13.45
C LYS A 52 -10.33 -3.63 13.09
N MET A 53 -10.19 -3.07 11.89
CA MET A 53 -11.08 -2.01 11.43
C MET A 53 -11.07 -0.86 12.43
N SER A 54 -9.86 -0.46 12.84
CA SER A 54 -9.69 0.63 13.79
C SER A 54 -9.88 1.98 13.11
N LYS A 55 -9.58 3.06 13.83
CA LYS A 55 -9.71 4.40 13.29
C LYS A 55 -8.80 4.57 12.08
N LYS A 56 -7.60 4.00 12.18
CA LYS A 56 -6.62 4.08 11.12
C LYS A 56 -7.18 3.43 9.86
N MET A 57 -7.84 2.29 10.03
CA MET A 57 -8.46 1.60 8.90
C MET A 57 -9.54 2.48 8.27
N GLU A 58 -10.30 3.16 9.11
CA GLU A 58 -11.38 4.00 8.60
C GLU A 58 -10.85 5.05 7.63
N GLU A 59 -9.68 5.60 7.91
CA GLU A 59 -9.12 6.61 7.03
C GLU A 59 -8.73 6.01 5.67
N VAL A 60 -8.10 4.84 5.71
CA VAL A 60 -7.65 4.18 4.49
C VAL A 60 -8.85 3.79 3.62
N LYS A 61 -9.85 3.18 4.23
CA LYS A 61 -11.05 2.76 3.52
C LYS A 61 -11.84 3.96 3.01
N ALA A 62 -11.97 4.98 3.86
CA ALA A 62 -12.69 6.19 3.47
C ALA A 62 -11.88 7.01 2.49
N ALA A 63 -10.59 6.68 2.37
CA ALA A 63 -9.70 7.39 1.45
C ALA A 63 -9.66 6.68 0.11
N ASN A 64 -10.27 5.50 0.05
CA ASN A 64 -10.29 4.72 -1.18
C ASN A 64 -8.86 4.42 -1.63
N VAL A 65 -8.06 3.87 -0.70
CA VAL A 65 -6.66 3.52 -0.99
C VAL A 65 -6.50 2.01 -0.79
N ARG A 66 -5.99 1.35 -1.82
CA ARG A 66 -5.81 -0.09 -1.75
C ARG A 66 -4.78 -0.40 -0.66
N VAL A 67 -4.82 -1.62 -0.13
CA VAL A 67 -3.91 -2.01 0.95
C VAL A 67 -3.02 -3.16 0.49
N VAL A 68 -1.71 -2.99 0.69
CA VAL A 68 -0.74 -4.02 0.31
C VAL A 68 0.20 -4.33 1.49
N CYS A 69 0.41 -5.62 1.75
CA CYS A 69 1.27 -6.04 2.85
C CYS A 69 2.74 -5.75 2.51
N GLU A 70 3.58 -5.77 3.54
CA GLU A 70 5.01 -5.51 3.40
C GLU A 70 5.69 -6.50 2.46
N ASP A 71 5.30 -7.77 2.56
CA ASP A 71 5.91 -8.82 1.72
C ASP A 71 6.05 -8.31 0.28
N PHE A 72 5.23 -7.34 -0.07
CA PHE A 72 5.25 -6.75 -1.40
C PHE A 72 6.60 -6.11 -1.68
N LEU A 73 7.15 -5.41 -0.68
CA LEU A 73 8.43 -4.72 -0.86
C LEU A 73 9.50 -5.75 -1.20
N GLN A 74 9.45 -6.88 -0.52
CA GLN A 74 10.42 -7.95 -0.74
C GLN A 74 10.29 -8.50 -2.17
N ASP A 75 9.05 -8.63 -2.62
CA ASP A 75 8.77 -9.18 -3.95
C ASP A 75 9.35 -8.33 -5.07
N VAL A 76 9.13 -7.03 -5.03
CA VAL A 76 9.67 -6.16 -6.08
C VAL A 76 11.18 -6.12 -5.99
N SER A 77 11.68 -6.10 -4.75
CA SER A 77 13.12 -6.06 -4.53
C SER A 77 13.80 -7.32 -5.07
N ALA A 78 13.16 -8.46 -4.83
CA ALA A 78 13.71 -9.75 -5.29
C ALA A 78 13.16 -10.11 -6.66
N SER A 79 11.88 -10.40 -6.70
CA SER A 79 11.23 -10.80 -7.95
C SER A 79 11.12 -9.63 -8.92
N ALA A 80 11.21 -9.95 -10.22
CA ALA A 80 11.10 -8.94 -11.27
C ALA A 80 9.67 -8.93 -11.81
N LYS A 81 8.81 -9.69 -11.14
CA LYS A 81 7.43 -9.82 -11.53
C LYS A 81 6.77 -8.48 -11.75
N SER A 82 5.73 -8.53 -12.56
CA SER A 82 4.96 -7.34 -12.90
C SER A 82 4.13 -6.87 -11.71
N LEU A 83 3.86 -5.58 -11.68
CA LEU A 83 3.12 -4.95 -10.60
C LEU A 83 1.71 -5.50 -10.48
N GLN A 84 1.06 -5.66 -11.63
CA GLN A 84 -0.31 -6.17 -11.66
C GLN A 84 -0.41 -7.56 -11.04
N GLU A 85 0.53 -8.43 -11.37
CA GLU A 85 0.54 -9.78 -10.83
C GLU A 85 0.80 -9.78 -9.33
N LEU A 86 1.73 -8.94 -8.89
CA LEU A 86 2.07 -8.89 -7.47
C LEU A 86 0.90 -8.41 -6.61
N LEU A 87 0.21 -7.36 -7.06
CA LEU A 87 -0.93 -6.85 -6.30
C LEU A 87 -2.15 -7.72 -6.49
N SER A 88 -2.19 -8.45 -7.58
CA SER A 88 -3.33 -9.33 -7.86
C SER A 88 -3.49 -10.36 -6.74
N ALA A 89 -2.37 -10.94 -6.32
CA ALA A 89 -2.41 -11.96 -5.26
C ALA A 89 -2.30 -11.32 -3.88
N HIS A 90 -1.36 -10.38 -3.75
CA HIS A 90 -1.13 -9.71 -2.47
C HIS A 90 -2.31 -8.83 -2.05
N SER A 91 -2.93 -8.14 -3.01
CA SER A 91 -4.05 -7.23 -2.70
C SER A 91 -4.92 -7.76 -1.57
N LEU A 92 -4.81 -7.08 -0.45
CA LEU A 92 -5.60 -7.41 0.74
C LEU A 92 -6.90 -6.61 0.74
N SER A 93 -7.06 -5.74 -0.27
CA SER A 93 -8.26 -4.89 -0.34
C SER A 93 -8.89 -4.89 -1.73
N SER A 94 -10.21 -4.72 -1.76
CA SER A 94 -10.96 -4.71 -3.01
C SER A 94 -11.33 -3.28 -3.40
N TRP A 95 -10.58 -2.31 -2.86
CA TRP A 95 -10.84 -0.89 -3.15
C TRP A 95 -9.54 -0.13 -3.42
N GLY A 96 -9.67 1.07 -3.95
CA GLY A 96 -8.50 1.89 -4.28
C GLY A 96 -8.81 2.90 -5.37
N ALA A 97 -9.86 3.70 -5.16
CA ALA A 97 -10.26 4.72 -6.13
C ALA A 97 -11.17 4.10 -7.20
N GLU A 98 -12.10 3.25 -6.78
CA GLU A 98 -13.01 2.61 -7.72
C GLU A 98 -14.19 1.98 -7.00
N VAL A 99 -15.37 2.11 -7.59
CA VAL A 99 -16.60 1.55 -7.02
C VAL A 99 -17.46 0.95 -8.13
N LYS A 100 -16.87 0.08 -8.94
CA LYS A 100 -17.61 -0.53 -10.04
C LYS A 100 -18.79 -1.38 -9.55
N HIS A 101 -18.56 -2.22 -8.55
CA HIS A 101 -19.61 -3.08 -8.02
C HIS A 101 -20.71 -2.28 -7.31
N HIS A 102 -20.31 -1.28 -6.53
CA HIS A 102 -21.28 -0.47 -5.79
C HIS A 102 -21.50 0.90 -6.43
N HIS A 103 -22.73 1.40 -6.34
CA HIS A 103 -23.08 2.70 -6.90
C HIS A 103 -24.06 3.42 -5.97
N HIS A 104 -25.07 2.68 -5.53
CA HIS A 104 -26.10 3.24 -4.65
C HIS A 104 -25.63 3.19 -3.19
N HIS A 105 -26.32 3.93 -2.33
CA HIS A 105 -25.98 3.97 -0.90
C HIS A 105 -27.06 3.32 -0.05
N HIS A 106 -26.63 2.72 1.07
CA HIS A 106 -27.57 2.07 1.98
C HIS A 106 -28.82 2.93 2.18
N MET A 1 12.66 -2.60 -10.54
CA MET A 1 13.43 -1.47 -11.12
C MET A 1 12.78 -0.15 -10.70
N LYS A 2 11.49 -0.01 -10.95
CA LYS A 2 10.76 1.22 -10.60
C LYS A 2 9.37 0.88 -10.07
N PRO A 3 9.28 0.20 -8.96
CA PRO A 3 7.97 -0.18 -8.37
C PRO A 3 7.32 0.98 -7.62
N LEU A 4 8.01 1.48 -6.60
CA LEU A 4 7.51 2.59 -5.79
C LEU A 4 8.07 3.93 -6.28
N SER A 5 8.87 3.91 -7.33
CA SER A 5 9.47 5.14 -7.85
C SER A 5 8.45 5.93 -8.67
N ASN A 6 7.29 5.34 -8.90
CA ASN A 6 6.24 5.98 -9.70
C ASN A 6 4.98 6.26 -8.88
N MET A 7 5.09 6.30 -7.56
CA MET A 7 3.90 6.52 -6.74
C MET A 7 4.25 6.97 -5.32
N LYS A 8 3.20 7.30 -4.55
CA LYS A 8 3.35 7.72 -3.14
C LYS A 8 2.95 6.55 -2.24
N ILE A 9 3.49 6.51 -1.03
CA ILE A 9 3.19 5.42 -0.09
C ILE A 9 2.76 5.94 1.29
N LEU A 10 1.70 5.35 1.83
CA LEU A 10 1.18 5.74 3.15
C LEU A 10 1.41 4.60 4.14
N THR A 11 1.95 4.95 5.30
CA THR A 11 2.21 3.94 6.34
C THR A 11 1.16 4.01 7.45
N LEU A 12 0.50 2.88 7.69
CA LEU A 12 -0.52 2.81 8.75
C LEU A 12 0.14 3.09 10.09
N GLY A 13 1.31 2.50 10.30
CA GLY A 13 2.04 2.70 11.55
C GLY A 13 3.14 1.66 11.71
N LYS A 14 3.10 0.92 12.82
CA LYS A 14 4.10 -0.10 13.09
C LYS A 14 3.84 -1.33 12.23
N LEU A 15 4.90 -1.86 11.62
CA LEU A 15 4.79 -3.05 10.78
C LEU A 15 5.98 -3.98 11.01
N SER A 16 6.13 -5.00 10.17
CA SER A 16 7.21 -5.98 10.34
C SER A 16 8.59 -5.31 10.24
N GLN A 17 8.76 -4.45 9.25
CA GLN A 17 10.03 -3.76 9.06
C GLN A 17 10.19 -2.66 10.10
N ASN A 18 11.40 -2.53 10.63
CA ASN A 18 11.67 -1.53 11.64
C ASN A 18 11.48 -0.12 11.07
N LYS A 19 11.40 0.85 11.95
CA LYS A 19 11.21 2.23 11.55
C LYS A 19 12.33 2.70 10.63
N ASP A 20 13.56 2.40 11.01
CA ASP A 20 14.70 2.81 10.19
C ASP A 20 14.79 1.98 8.91
N GLU A 21 14.54 0.67 9.06
CA GLU A 21 14.62 -0.26 7.93
C GLU A 21 13.48 -0.08 6.92
N ALA A 22 12.25 0.05 7.42
CA ALA A 22 11.10 0.18 6.51
C ALA A 22 11.26 1.40 5.62
N LYS A 23 11.64 2.51 6.24
CA LYS A 23 11.85 3.76 5.52
C LYS A 23 12.97 3.62 4.51
N ALA A 24 14.05 2.95 4.92
CA ALA A 24 15.19 2.75 4.04
C ALA A 24 14.80 1.95 2.82
N MET A 25 13.98 0.91 3.03
CA MET A 25 13.53 0.07 1.95
C MET A 25 12.61 0.87 1.00
N ILE A 26 11.68 1.61 1.56
CA ILE A 26 10.75 2.39 0.77
C ILE A 26 11.49 3.46 -0.04
N GLU A 27 12.43 4.14 0.61
CA GLU A 27 13.21 5.18 -0.06
C GLU A 27 14.18 4.58 -1.07
N LYS A 28 14.69 3.39 -0.78
CA LYS A 28 15.65 2.74 -1.68
C LYS A 28 15.04 2.50 -3.06
N LEU A 29 13.84 1.97 -3.11
CA LEU A 29 13.19 1.72 -4.39
C LEU A 29 12.98 3.04 -5.09
N GLY A 30 12.58 4.01 -4.29
CA GLY A 30 12.27 5.34 -4.76
C GLY A 30 10.98 5.82 -4.11
N GLY A 31 10.40 4.94 -3.29
CA GLY A 31 9.16 5.26 -2.60
C GLY A 31 9.31 6.47 -1.69
N LYS A 32 8.21 7.23 -1.58
CA LYS A 32 8.18 8.43 -0.75
C LYS A 32 6.99 8.37 0.21
N LEU A 33 7.16 8.98 1.37
CA LEU A 33 6.08 9.03 2.36
C LEU A 33 5.46 10.42 2.35
N THR A 34 4.16 10.48 2.09
CA THR A 34 3.45 11.76 2.05
C THR A 34 2.00 11.54 1.62
N GLY A 35 1.14 12.52 1.91
CA GLY A 35 -0.28 12.44 1.55
C GLY A 35 -1.16 12.25 2.78
N SER A 36 -2.23 13.03 2.85
CA SER A 36 -3.15 12.94 3.97
C SER A 36 -3.76 11.54 4.05
N ALA A 37 -4.15 11.02 2.90
CA ALA A 37 -4.75 9.69 2.83
C ALA A 37 -4.90 9.22 1.39
N ASN A 38 -5.93 9.72 0.70
CA ASN A 38 -6.18 9.34 -0.70
C ASN A 38 -5.04 9.78 -1.61
N LYS A 39 -4.41 10.90 -1.28
CA LYS A 39 -3.32 11.40 -2.12
C LYS A 39 -2.31 10.29 -2.35
N ALA A 40 -2.16 9.43 -1.35
CA ALA A 40 -1.22 8.31 -1.46
C ALA A 40 -1.68 7.34 -2.54
N SER A 41 -0.81 6.43 -2.96
CA SER A 41 -1.20 5.47 -4.00
C SER A 41 -1.66 4.18 -3.36
N LEU A 42 -0.71 3.47 -2.75
CA LEU A 42 -1.01 2.19 -2.11
C LEU A 42 -0.53 2.22 -0.66
N CYS A 43 -1.48 2.10 0.27
CA CYS A 43 -1.16 2.09 1.69
C CYS A 43 -0.59 0.74 2.09
N ILE A 44 0.39 0.75 2.99
CA ILE A 44 1.00 -0.49 3.44
C ILE A 44 0.30 -1.01 4.69
N SER A 45 -0.46 -2.09 4.49
CA SER A 45 -1.19 -2.71 5.58
C SER A 45 -1.37 -4.19 5.30
N THR A 46 -1.13 -5.01 6.32
CA THR A 46 -1.27 -6.45 6.20
C THR A 46 -2.70 -6.86 6.49
N LYS A 47 -3.03 -8.10 6.14
CA LYS A 47 -4.38 -8.61 6.38
C LYS A 47 -4.72 -8.46 7.85
N LYS A 48 -3.76 -8.76 8.73
CA LYS A 48 -3.97 -8.64 10.16
C LYS A 48 -4.43 -7.23 10.52
N GLU A 49 -3.83 -6.22 9.91
CA GLU A 49 -4.23 -4.85 10.21
C GLU A 49 -5.65 -4.61 9.71
N VAL A 50 -5.97 -5.20 8.57
CA VAL A 50 -7.31 -5.06 8.01
C VAL A 50 -8.35 -5.72 8.92
N GLU A 51 -7.90 -6.67 9.75
CA GLU A 51 -8.82 -7.35 10.68
C GLU A 51 -9.30 -6.36 11.72
N LYS A 52 -8.40 -5.48 12.10
CA LYS A 52 -8.64 -4.49 13.14
C LYS A 52 -9.74 -3.50 12.76
N MET A 53 -9.73 -3.04 11.52
CA MET A 53 -10.73 -2.06 11.10
C MET A 53 -10.72 -0.90 12.09
N SER A 54 -9.51 -0.46 12.45
CA SER A 54 -9.34 0.63 13.39
C SER A 54 -9.72 1.96 12.75
N LYS A 55 -9.68 3.03 13.55
CA LYS A 55 -10.03 4.35 13.06
C LYS A 55 -9.13 4.74 11.89
N LYS A 56 -7.84 4.43 12.00
CA LYS A 56 -6.91 4.72 10.93
C LYS A 56 -7.33 3.97 9.68
N MET A 57 -7.76 2.73 9.86
CA MET A 57 -8.21 1.92 8.72
C MET A 57 -9.40 2.59 8.05
N GLU A 58 -10.29 3.17 8.85
CA GLU A 58 -11.46 3.83 8.29
C GLU A 58 -11.03 5.00 7.40
N GLU A 59 -9.97 5.70 7.81
CA GLU A 59 -9.47 6.83 7.03
C GLU A 59 -9.00 6.36 5.67
N VAL A 60 -8.26 5.27 5.66
CA VAL A 60 -7.75 4.69 4.41
C VAL A 60 -8.92 4.24 3.55
N LYS A 61 -9.89 3.57 4.17
CA LYS A 61 -11.08 3.12 3.46
C LYS A 61 -11.80 4.32 2.87
N ALA A 62 -11.97 5.36 3.69
CA ALA A 62 -12.63 6.57 3.26
C ALA A 62 -11.84 7.27 2.16
N ALA A 63 -10.53 6.99 2.10
CA ALA A 63 -9.67 7.63 1.10
C ALA A 63 -9.68 6.84 -0.19
N ASN A 64 -10.34 5.70 -0.19
CA ASN A 64 -10.41 4.89 -1.39
C ASN A 64 -9.00 4.54 -1.89
N VAL A 65 -8.18 3.96 -1.01
CA VAL A 65 -6.82 3.57 -1.38
C VAL A 65 -6.64 2.07 -1.26
N ARG A 66 -6.23 1.43 -2.34
CA ARG A 66 -6.00 0.00 -2.31
C ARG A 66 -4.94 -0.29 -1.25
N VAL A 67 -4.92 -1.52 -0.77
CA VAL A 67 -3.99 -1.93 0.28
C VAL A 67 -3.00 -2.96 -0.23
N VAL A 68 -1.72 -2.76 0.08
CA VAL A 68 -0.65 -3.67 -0.33
C VAL A 68 0.10 -4.16 0.91
N CYS A 69 0.33 -5.46 1.00
CA CYS A 69 1.03 -6.02 2.15
C CYS A 69 2.51 -5.63 2.11
N GLU A 70 3.10 -5.60 3.29
CA GLU A 70 4.51 -5.23 3.46
C GLU A 70 5.44 -6.16 2.71
N ASP A 71 5.10 -7.43 2.65
CA ASP A 71 5.93 -8.41 1.96
C ASP A 71 6.07 -8.03 0.49
N PHE A 72 5.19 -7.15 0.03
CA PHE A 72 5.23 -6.68 -1.35
C PHE A 72 6.55 -6.00 -1.64
N LEU A 73 7.01 -5.20 -0.68
CA LEU A 73 8.24 -4.44 -0.85
C LEU A 73 9.40 -5.40 -1.09
N GLN A 74 9.41 -6.47 -0.32
CA GLN A 74 10.45 -7.49 -0.45
C GLN A 74 10.30 -8.23 -1.78
N ASP A 75 9.07 -8.47 -2.19
CA ASP A 75 8.79 -9.19 -3.42
C ASP A 75 9.32 -8.46 -4.65
N VAL A 76 9.02 -7.17 -4.77
CA VAL A 76 9.50 -6.43 -5.93
C VAL A 76 11.02 -6.35 -5.90
N SER A 77 11.55 -6.08 -4.71
CA SER A 77 13.01 -6.00 -4.55
C SER A 77 13.69 -7.33 -4.84
N ALA A 78 13.13 -8.41 -4.31
CA ALA A 78 13.71 -9.73 -4.53
C ALA A 78 13.49 -10.21 -5.96
N SER A 79 12.24 -10.10 -6.42
CA SER A 79 11.87 -10.52 -7.76
C SER A 79 11.26 -9.35 -8.53
N ALA A 80 11.66 -9.18 -9.78
CA ALA A 80 11.15 -8.09 -10.62
C ALA A 80 10.16 -8.61 -11.65
N LYS A 81 9.02 -9.11 -11.20
CA LYS A 81 8.00 -9.64 -12.09
C LYS A 81 6.99 -8.57 -12.46
N SER A 82 5.84 -9.04 -12.88
CA SER A 82 4.76 -8.15 -13.29
C SER A 82 4.07 -7.53 -12.08
N LEU A 83 3.74 -6.25 -12.19
CA LEU A 83 3.07 -5.53 -11.13
C LEU A 83 1.68 -6.10 -10.86
N GLN A 84 0.97 -6.40 -11.93
CA GLN A 84 -0.39 -6.93 -11.82
C GLN A 84 -0.42 -8.27 -11.09
N GLU A 85 0.55 -9.14 -11.37
CA GLU A 85 0.57 -10.44 -10.72
C GLU A 85 0.84 -10.29 -9.23
N LEU A 86 1.76 -9.41 -8.86
CA LEU A 86 2.10 -9.23 -7.46
C LEU A 86 0.92 -8.70 -6.65
N LEU A 87 0.18 -7.74 -7.21
CA LEU A 87 -0.96 -7.17 -6.50
C LEU A 87 -2.18 -8.06 -6.60
N SER A 88 -2.07 -9.14 -7.36
CA SER A 88 -3.17 -10.08 -7.49
C SER A 88 -3.47 -10.74 -6.15
N ALA A 89 -2.43 -10.96 -5.34
CA ALA A 89 -2.60 -11.61 -4.02
C ALA A 89 -2.14 -10.73 -2.86
N HIS A 90 -1.07 -9.99 -3.07
CA HIS A 90 -0.52 -9.13 -2.03
C HIS A 90 -1.48 -7.98 -1.71
N SER A 91 -2.25 -7.57 -2.70
CA SER A 91 -3.18 -6.45 -2.53
C SER A 91 -4.24 -6.72 -1.47
N LEU A 92 -4.53 -7.99 -1.21
CA LEU A 92 -5.58 -8.36 -0.26
C LEU A 92 -6.94 -8.03 -0.88
N SER A 93 -6.92 -7.05 -1.82
CA SER A 93 -8.14 -6.64 -2.53
C SER A 93 -9.27 -6.28 -1.58
N SER A 94 -9.76 -5.05 -1.73
CA SER A 94 -10.84 -4.56 -0.90
C SER A 94 -11.42 -3.27 -1.49
N TRP A 95 -10.56 -2.26 -1.69
CA TRP A 95 -11.02 -0.98 -2.26
C TRP A 95 -9.87 -0.31 -3.01
N GLY A 96 -10.03 0.99 -3.32
CA GLY A 96 -9.00 1.73 -4.05
C GLY A 96 -9.59 2.48 -5.23
N ALA A 97 -10.61 3.29 -4.97
CA ALA A 97 -11.24 4.05 -6.04
C ALA A 97 -11.69 3.11 -7.16
N GLU A 98 -12.56 2.18 -6.80
CA GLU A 98 -13.08 1.21 -7.77
C GLU A 98 -11.93 0.40 -8.36
N VAL A 99 -12.25 -0.41 -9.36
CA VAL A 99 -11.25 -1.25 -10.03
C VAL A 99 -11.41 -1.17 -11.55
N LYS A 100 -10.38 -1.58 -12.26
CA LYS A 100 -10.38 -1.54 -13.71
C LYS A 100 -11.49 -2.40 -14.30
N HIS A 101 -11.21 -3.68 -14.50
CA HIS A 101 -12.19 -4.61 -15.08
C HIS A 101 -12.34 -5.85 -14.20
N HIS A 102 -11.58 -5.90 -13.11
CA HIS A 102 -11.63 -7.05 -12.21
C HIS A 102 -12.93 -7.06 -11.42
N HIS A 103 -13.53 -8.24 -11.32
CA HIS A 103 -14.79 -8.42 -10.59
C HIS A 103 -15.72 -7.24 -10.84
N HIS A 104 -16.56 -7.35 -11.86
CA HIS A 104 -17.49 -6.28 -12.18
C HIS A 104 -18.42 -6.02 -11.01
N HIS A 105 -18.28 -4.83 -10.42
CA HIS A 105 -19.09 -4.42 -9.27
C HIS A 105 -19.56 -5.62 -8.45
N HIS A 106 -20.76 -6.11 -8.74
CA HIS A 106 -21.32 -7.27 -8.04
C HIS A 106 -21.47 -8.44 -8.99
N MET A 1 11.47 -3.46 -12.17
CA MET A 1 12.26 -2.21 -12.02
C MET A 1 11.32 -1.02 -11.78
N LYS A 2 11.81 -0.05 -11.02
CA LYS A 2 11.02 1.14 -10.72
C LYS A 2 9.62 0.74 -10.23
N PRO A 3 9.56 0.04 -9.11
CA PRO A 3 8.27 -0.43 -8.54
C PRO A 3 7.51 0.64 -7.75
N LEU A 4 8.17 1.27 -6.78
CA LEU A 4 7.52 2.29 -5.95
C LEU A 4 7.82 3.69 -6.47
N SER A 5 8.55 3.79 -7.56
CA SER A 5 8.88 5.08 -8.12
C SER A 5 7.70 5.65 -8.90
N ASN A 6 7.34 6.89 -8.57
CA ASN A 6 6.23 7.61 -9.22
C ASN A 6 4.96 7.45 -8.42
N MET A 7 5.11 7.07 -7.16
CA MET A 7 3.96 6.91 -6.28
C MET A 7 4.35 7.18 -4.82
N LYS A 8 3.37 7.60 -4.02
CA LYS A 8 3.61 7.87 -2.61
C LYS A 8 3.15 6.70 -1.76
N ILE A 9 3.66 6.63 -0.54
CA ILE A 9 3.33 5.54 0.38
C ILE A 9 2.89 6.08 1.74
N LEU A 10 2.05 5.31 2.42
CA LEU A 10 1.56 5.70 3.75
C LEU A 10 1.59 4.51 4.70
N THR A 11 2.04 4.77 5.93
CA THR A 11 2.08 3.73 6.95
C THR A 11 0.94 3.97 7.93
N LEU A 12 -0.01 3.03 7.98
CA LEU A 12 -1.18 3.17 8.85
C LEU A 12 -0.84 2.75 10.27
N GLY A 13 -0.80 1.44 10.51
CA GLY A 13 -0.52 0.91 11.84
C GLY A 13 0.95 0.55 12.01
N LYS A 14 1.20 -0.38 12.92
CA LYS A 14 2.55 -0.84 13.21
C LYS A 14 3.25 -1.34 11.95
N LEU A 15 4.57 -1.14 11.90
CA LEU A 15 5.38 -1.54 10.74
C LEU A 15 6.23 -2.77 11.08
N SER A 16 6.12 -3.79 10.23
CA SER A 16 6.87 -5.03 10.44
C SER A 16 8.36 -4.76 10.37
N GLN A 17 8.76 -3.95 9.39
CA GLN A 17 10.16 -3.60 9.18
C GLN A 17 10.64 -2.71 10.32
N ASN A 18 11.95 -2.47 10.37
CA ASN A 18 12.49 -1.61 11.42
C ASN A 18 12.22 -0.16 11.07
N LYS A 19 13.13 0.73 11.46
CA LYS A 19 12.96 2.16 11.19
C LYS A 19 13.88 2.61 10.07
N ASP A 20 15.17 2.42 10.27
CA ASP A 20 16.16 2.82 9.29
C ASP A 20 16.08 1.94 8.04
N GLU A 21 15.80 0.66 8.24
CA GLU A 21 15.74 -0.28 7.12
C GLU A 21 14.53 -0.04 6.22
N ALA A 22 13.36 0.15 6.82
CA ALA A 22 12.16 0.39 6.01
C ALA A 22 12.35 1.64 5.18
N LYS A 23 12.83 2.70 5.83
CA LYS A 23 13.06 3.97 5.15
C LYS A 23 14.11 3.82 4.06
N ALA A 24 15.19 3.12 4.38
CA ALA A 24 16.26 2.93 3.43
C ALA A 24 15.75 2.16 2.21
N MET A 25 15.00 1.10 2.45
CA MET A 25 14.45 0.29 1.38
C MET A 25 13.40 1.05 0.57
N ILE A 26 12.53 1.78 1.26
CA ILE A 26 11.48 2.52 0.57
C ILE A 26 12.05 3.61 -0.34
N GLU A 27 13.03 4.36 0.15
CA GLU A 27 13.63 5.42 -0.66
C GLU A 27 14.48 4.87 -1.81
N LYS A 28 15.13 3.74 -1.59
CA LYS A 28 15.98 3.14 -2.63
C LYS A 28 15.18 2.80 -3.88
N LEU A 29 14.00 2.23 -3.72
CA LEU A 29 13.18 1.92 -4.89
C LEU A 29 12.80 3.20 -5.59
N GLY A 30 12.46 4.17 -4.77
CA GLY A 30 12.00 5.48 -5.22
C GLY A 30 10.78 5.85 -4.41
N GLY A 31 10.31 4.88 -3.61
CA GLY A 31 9.14 5.11 -2.77
C GLY A 31 9.38 6.25 -1.79
N LYS A 32 8.31 6.97 -1.45
CA LYS A 32 8.38 8.11 -0.52
C LYS A 32 7.28 8.01 0.53
N LEU A 33 7.53 8.56 1.72
CA LEU A 33 6.55 8.54 2.80
C LEU A 33 5.89 9.92 2.95
N THR A 34 4.56 9.95 2.78
CA THR A 34 3.79 11.21 2.88
C THR A 34 2.33 11.00 2.49
N GLY A 35 1.51 12.04 2.68
CA GLY A 35 0.09 12.00 2.31
C GLY A 35 -0.82 11.83 3.54
N SER A 36 -1.96 12.51 3.51
CA SER A 36 -2.92 12.40 4.60
C SER A 36 -3.65 11.05 4.53
N ALA A 37 -4.00 10.65 3.32
CA ALA A 37 -4.71 9.39 3.11
C ALA A 37 -4.81 9.09 1.61
N ASN A 38 -5.79 9.71 0.93
CA ASN A 38 -5.96 9.48 -0.51
C ASN A 38 -4.75 9.95 -1.30
N LYS A 39 -4.06 10.96 -0.77
CA LYS A 39 -2.88 11.49 -1.45
C LYS A 39 -1.88 10.36 -1.68
N ALA A 40 -1.81 9.45 -0.73
CA ALA A 40 -0.90 8.31 -0.85
C ALA A 40 -1.42 7.37 -1.93
N SER A 41 -0.58 6.49 -2.46
CA SER A 41 -1.03 5.57 -3.50
C SER A 41 -1.36 4.21 -2.89
N LEU A 42 -0.35 3.59 -2.28
CA LEU A 42 -0.52 2.29 -1.64
C LEU A 42 -0.05 2.36 -0.20
N CYS A 43 -0.99 2.14 0.71
CA CYS A 43 -0.69 2.20 2.14
C CYS A 43 -0.10 0.87 2.60
N ILE A 44 0.68 0.92 3.69
CA ILE A 44 1.32 -0.29 4.21
C ILE A 44 0.53 -0.83 5.40
N SER A 45 -0.05 -1.99 5.20
CA SER A 45 -0.80 -2.65 6.27
C SER A 45 -0.92 -4.15 5.98
N THR A 46 -1.20 -4.94 7.02
CA THR A 46 -1.35 -6.39 6.90
C THR A 46 -2.72 -6.83 7.38
N LYS A 47 -3.02 -8.11 7.19
CA LYS A 47 -4.30 -8.65 7.61
C LYS A 47 -4.48 -8.42 9.10
N LYS A 48 -3.42 -8.64 9.85
CA LYS A 48 -3.45 -8.44 11.29
C LYS A 48 -3.96 -7.04 11.62
N GLU A 49 -4.10 -6.19 10.60
CA GLU A 49 -4.58 -4.82 10.80
C GLU A 49 -5.95 -4.64 10.14
N VAL A 50 -6.07 -5.17 8.92
CA VAL A 50 -7.31 -5.05 8.14
C VAL A 50 -8.47 -5.79 8.81
N GLU A 51 -8.18 -6.98 9.32
CA GLU A 51 -9.22 -7.81 9.94
C GLU A 51 -9.94 -7.07 11.05
N LYS A 52 -9.23 -6.18 11.70
CA LYS A 52 -9.78 -5.43 12.81
C LYS A 52 -10.90 -4.51 12.33
N MET A 53 -10.70 -3.93 11.16
CA MET A 53 -11.69 -3.01 10.60
C MET A 53 -11.93 -1.85 11.55
N SER A 54 -10.84 -1.23 11.99
CA SER A 54 -10.92 -0.09 12.90
C SER A 54 -11.21 1.19 12.13
N LYS A 55 -11.35 2.28 12.87
CA LYS A 55 -11.65 3.58 12.29
C LYS A 55 -10.52 3.99 11.34
N LYS A 56 -9.30 3.64 11.73
CA LYS A 56 -8.12 3.96 10.93
C LYS A 56 -8.23 3.30 9.55
N MET A 57 -8.70 2.05 9.53
CA MET A 57 -8.87 1.33 8.26
C MET A 57 -9.91 2.05 7.41
N GLU A 58 -10.95 2.53 8.08
CA GLU A 58 -12.03 3.22 7.40
C GLU A 58 -11.48 4.45 6.66
N GLU A 59 -10.52 5.14 7.28
CA GLU A 59 -9.94 6.34 6.68
C GLU A 59 -9.30 5.99 5.34
N VAL A 60 -8.53 4.91 5.33
CA VAL A 60 -7.85 4.46 4.11
C VAL A 60 -8.90 4.04 3.09
N LYS A 61 -9.88 3.28 3.56
CA LYS A 61 -10.97 2.78 2.72
C LYS A 61 -11.79 3.93 2.11
N ALA A 62 -12.13 4.90 2.94
CA ALA A 62 -12.90 6.05 2.49
C ALA A 62 -12.03 6.96 1.65
N ALA A 63 -10.73 6.71 1.69
CA ALA A 63 -9.75 7.52 0.95
C ALA A 63 -9.46 6.89 -0.40
N ASN A 64 -10.11 5.75 -0.68
CA ASN A 64 -9.90 5.07 -1.95
C ASN A 64 -8.42 4.75 -2.14
N VAL A 65 -7.83 4.07 -1.16
CA VAL A 65 -6.41 3.71 -1.23
C VAL A 65 -6.22 2.21 -1.07
N ARG A 66 -5.73 1.55 -2.12
CA ARG A 66 -5.50 0.13 -2.02
C ARG A 66 -4.45 -0.14 -0.94
N VAL A 67 -4.44 -1.35 -0.40
CA VAL A 67 -3.52 -1.71 0.69
C VAL A 67 -2.55 -2.80 0.25
N VAL A 68 -1.26 -2.61 0.57
CA VAL A 68 -0.23 -3.59 0.24
C VAL A 68 0.55 -3.96 1.49
N CYS A 69 0.75 -5.24 1.72
CA CYS A 69 1.49 -5.71 2.89
C CYS A 69 2.99 -5.58 2.66
N GLU A 70 3.72 -5.38 3.77
CA GLU A 70 5.17 -5.20 3.72
C GLU A 70 5.85 -6.21 2.83
N ASP A 71 5.23 -7.38 2.67
CA ASP A 71 5.81 -8.41 1.83
C ASP A 71 5.87 -7.94 0.39
N PHE A 72 5.08 -6.92 0.09
CA PHE A 72 5.03 -6.36 -1.25
C PHE A 72 6.37 -5.76 -1.63
N LEU A 73 6.98 -5.03 -0.69
CA LEU A 73 8.26 -4.37 -0.94
C LEU A 73 9.33 -5.39 -1.24
N GLN A 74 9.31 -6.46 -0.47
CA GLN A 74 10.29 -7.52 -0.63
C GLN A 74 10.02 -8.33 -1.89
N ASP A 75 8.74 -8.49 -2.22
CA ASP A 75 8.34 -9.26 -3.39
C ASP A 75 8.89 -8.64 -4.68
N VAL A 76 8.73 -7.33 -4.83
CA VAL A 76 9.23 -6.64 -6.02
C VAL A 76 10.74 -6.64 -6.04
N SER A 77 11.33 -6.46 -4.87
CA SER A 77 12.78 -6.39 -4.75
C SER A 77 13.41 -7.70 -5.21
N ALA A 78 12.78 -8.81 -4.86
CA ALA A 78 13.30 -10.13 -5.22
C ALA A 78 12.69 -10.65 -6.52
N SER A 79 11.38 -10.90 -6.48
CA SER A 79 10.69 -11.44 -7.64
C SER A 79 10.60 -10.41 -8.78
N ALA A 80 10.38 -9.15 -8.42
CA ALA A 80 10.27 -8.08 -9.42
C ALA A 80 9.22 -8.43 -10.47
N LYS A 81 8.19 -9.16 -10.04
CA LYS A 81 7.12 -9.58 -10.91
C LYS A 81 6.25 -8.42 -11.36
N SER A 82 5.19 -8.78 -12.08
CA SER A 82 4.25 -7.80 -12.62
C SER A 82 3.40 -7.18 -11.53
N LEU A 83 2.99 -5.95 -11.76
CA LEU A 83 2.18 -5.22 -10.80
C LEU A 83 0.83 -5.91 -10.60
N GLN A 84 0.25 -6.38 -11.69
CA GLN A 84 -1.05 -7.04 -11.65
C GLN A 84 -1.01 -8.34 -10.84
N GLU A 85 0.06 -9.11 -11.01
CA GLU A 85 0.19 -10.38 -10.30
C GLU A 85 0.36 -10.14 -8.79
N LEU A 86 1.17 -9.14 -8.45
CA LEU A 86 1.44 -8.83 -7.05
C LEU A 86 0.19 -8.40 -6.29
N LEU A 87 -0.64 -7.57 -6.92
CA LEU A 87 -1.86 -7.08 -6.28
C LEU A 87 -2.95 -8.15 -6.34
N SER A 88 -2.67 -9.24 -7.02
CA SER A 88 -3.63 -10.32 -7.11
C SER A 88 -3.92 -10.88 -5.73
N ALA A 89 -2.86 -10.99 -4.91
CA ALA A 89 -3.02 -11.55 -3.55
C ALA A 89 -2.51 -10.60 -2.46
N HIS A 90 -1.65 -9.66 -2.82
CA HIS A 90 -1.09 -8.73 -1.83
C HIS A 90 -1.96 -7.49 -1.63
N SER A 91 -2.99 -7.34 -2.47
CA SER A 91 -3.87 -6.19 -2.37
C SER A 91 -4.56 -6.10 -1.02
N LEU A 92 -4.80 -7.23 -0.38
CA LEU A 92 -5.47 -7.23 0.92
C LEU A 92 -6.66 -6.27 0.93
N SER A 93 -7.06 -5.84 -0.26
CA SER A 93 -8.16 -4.90 -0.41
C SER A 93 -8.81 -5.04 -1.78
N SER A 94 -9.94 -4.37 -1.96
CA SER A 94 -10.66 -4.40 -3.23
C SER A 94 -11.06 -2.99 -3.64
N TRP A 95 -10.25 -2.01 -3.21
CA TRP A 95 -10.50 -0.60 -3.52
C TRP A 95 -9.20 0.13 -3.81
N GLY A 96 -9.32 1.35 -4.35
CA GLY A 96 -8.15 2.16 -4.68
C GLY A 96 -8.39 2.90 -6.00
N ALA A 97 -9.44 3.71 -6.03
CA ALA A 97 -9.77 4.48 -7.23
C ALA A 97 -9.75 3.58 -8.46
N GLU A 98 -10.02 2.29 -8.27
CA GLU A 98 -10.03 1.36 -9.39
C GLU A 98 -8.85 1.60 -10.32
N VAL A 99 -8.87 0.93 -11.47
CA VAL A 99 -7.81 1.07 -12.47
C VAL A 99 -8.29 1.88 -13.67
N LYS A 100 -8.06 3.19 -13.62
CA LYS A 100 -8.48 4.10 -14.69
C LYS A 100 -7.24 4.63 -15.42
N HIS A 101 -6.07 4.16 -15.01
CA HIS A 101 -4.84 4.61 -15.63
C HIS A 101 -4.83 4.20 -17.10
N HIS A 102 -5.26 2.97 -17.36
CA HIS A 102 -5.31 2.44 -18.73
C HIS A 102 -6.51 1.51 -18.90
N HIS A 103 -6.95 1.36 -20.14
CA HIS A 103 -8.09 0.50 -20.43
C HIS A 103 -9.25 0.80 -19.48
N HIS A 104 -9.48 2.08 -19.25
CA HIS A 104 -10.56 2.51 -18.35
C HIS A 104 -11.90 1.97 -18.82
N HIS A 105 -12.15 2.06 -20.13
CA HIS A 105 -13.41 1.57 -20.70
C HIS A 105 -13.16 0.79 -21.99
N HIS A 106 -13.94 -0.28 -22.18
CA HIS A 106 -13.79 -1.11 -23.37
C HIS A 106 -14.52 -0.50 -24.56
N MET A 1 14.24 1.97 -8.14
CA MET A 1 14.08 2.93 -9.28
C MET A 1 13.19 2.32 -10.35
N LYS A 2 12.04 1.79 -9.94
CA LYS A 2 11.12 1.20 -10.91
C LYS A 2 9.76 0.84 -10.28
N PRO A 3 9.72 0.32 -9.08
CA PRO A 3 8.43 -0.10 -8.46
C PRO A 3 7.73 1.02 -7.68
N LEU A 4 8.42 1.58 -6.68
CA LEU A 4 7.83 2.63 -5.85
C LEU A 4 8.26 4.02 -6.27
N SER A 5 9.12 4.11 -7.26
CA SER A 5 9.60 5.41 -7.74
C SER A 5 8.50 6.25 -8.35
N ASN A 6 7.54 5.62 -9.02
CA ASN A 6 6.47 6.35 -9.69
C ASN A 6 5.19 6.39 -8.86
N MET A 7 5.27 6.03 -7.59
CA MET A 7 4.08 6.03 -6.74
C MET A 7 4.40 6.36 -5.29
N LYS A 8 3.40 6.81 -4.54
CA LYS A 8 3.55 7.16 -3.12
C LYS A 8 2.95 6.07 -2.23
N ILE A 9 3.47 5.96 -1.01
CA ILE A 9 3.02 4.92 -0.06
C ILE A 9 2.50 5.54 1.24
N LEU A 10 1.38 5.01 1.74
CA LEU A 10 0.78 5.50 2.99
C LEU A 10 0.95 4.44 4.08
N THR A 11 1.39 4.87 5.27
CA THR A 11 1.59 3.94 6.38
C THR A 11 0.69 4.29 7.56
N LEU A 12 -0.09 3.33 8.04
CA LEU A 12 -0.96 3.57 9.18
C LEU A 12 -0.11 3.93 10.41
N GLY A 13 0.99 3.22 10.59
CA GLY A 13 1.88 3.47 11.71
C GLY A 13 2.73 2.25 12.03
N LYS A 14 2.10 1.19 12.53
CA LYS A 14 2.82 -0.02 12.87
C LYS A 14 3.42 -0.63 11.61
N LEU A 15 4.72 -0.96 11.68
CA LEU A 15 5.42 -1.54 10.54
C LEU A 15 6.20 -2.77 10.98
N SER A 16 6.10 -3.86 10.23
CA SER A 16 6.81 -5.09 10.60
C SER A 16 8.31 -4.87 10.61
N GLN A 17 8.83 -4.18 9.58
CA GLN A 17 10.25 -3.89 9.51
C GLN A 17 10.68 -3.12 10.75
N ASN A 18 11.97 -2.89 10.91
CA ASN A 18 12.47 -2.20 12.09
C ASN A 18 12.18 -0.70 12.02
N LYS A 19 12.97 0.02 11.21
CA LYS A 19 12.78 1.46 11.08
C LYS A 19 13.76 2.01 10.04
N ASP A 20 15.05 1.89 10.34
CA ASP A 20 16.08 2.37 9.45
C ASP A 20 16.04 1.61 8.13
N GLU A 21 15.80 0.30 8.23
CA GLU A 21 15.76 -0.56 7.04
C GLU A 21 14.55 -0.23 6.17
N ALA A 22 13.43 -0.01 6.83
CA ALA A 22 12.21 0.32 6.13
C ALA A 22 12.39 1.57 5.29
N LYS A 23 12.90 2.61 5.95
CA LYS A 23 13.15 3.88 5.29
C LYS A 23 14.19 3.73 4.18
N ALA A 24 15.25 3.00 4.47
CA ALA A 24 16.31 2.81 3.48
C ALA A 24 15.81 2.09 2.24
N MET A 25 15.11 0.97 2.43
CA MET A 25 14.60 0.23 1.28
C MET A 25 13.51 0.98 0.52
N ILE A 26 12.61 1.63 1.24
CA ILE A 26 11.53 2.37 0.61
C ILE A 26 12.07 3.53 -0.24
N GLU A 27 13.01 4.27 0.31
CA GLU A 27 13.61 5.39 -0.41
C GLU A 27 14.59 4.93 -1.51
N LYS A 28 15.23 3.79 -1.28
CA LYS A 28 16.18 3.25 -2.25
C LYS A 28 15.50 3.00 -3.59
N LEU A 29 14.32 2.39 -3.54
CA LEU A 29 13.55 2.11 -4.74
C LEU A 29 13.21 3.42 -5.38
N GLY A 30 12.89 4.36 -4.52
CA GLY A 30 12.47 5.69 -4.90
C GLY A 30 11.14 5.96 -4.23
N GLY A 31 10.69 4.97 -3.45
CA GLY A 31 9.42 5.10 -2.74
C GLY A 31 9.47 6.27 -1.77
N LYS A 32 8.30 6.83 -1.47
CA LYS A 32 8.19 7.96 -0.56
C LYS A 32 6.99 7.78 0.36
N LEU A 33 7.05 8.38 1.55
CA LEU A 33 5.96 8.30 2.52
C LEU A 33 5.04 9.52 2.39
N THR A 34 3.75 9.28 2.20
CA THR A 34 2.77 10.37 2.07
C THR A 34 1.73 10.29 3.19
N GLY A 35 1.67 11.34 4.00
CA GLY A 35 0.72 11.42 5.10
C GLY A 35 -0.71 11.55 4.61
N SER A 36 -0.89 12.30 3.52
CA SER A 36 -2.22 12.51 2.96
C SER A 36 -2.81 11.20 2.45
N ALA A 37 -4.12 11.04 2.63
CA ALA A 37 -4.80 9.83 2.17
C ALA A 37 -5.34 10.04 0.75
N ASN A 38 -5.56 8.92 0.06
CA ASN A 38 -6.05 8.94 -1.33
C ASN A 38 -4.95 9.41 -2.27
N LYS A 39 -4.13 10.35 -1.79
CA LYS A 39 -3.02 10.86 -2.59
C LYS A 39 -2.01 9.74 -2.84
N ALA A 40 -1.82 8.90 -1.82
CA ALA A 40 -0.89 7.79 -1.91
C ALA A 40 -1.40 6.75 -2.91
N SER A 41 -0.60 5.70 -3.15
CA SER A 41 -1.03 4.65 -4.09
C SER A 41 -1.43 3.39 -3.34
N LEU A 42 -0.44 2.74 -2.73
CA LEU A 42 -0.69 1.51 -1.98
C LEU A 42 -0.31 1.68 -0.51
N CYS A 43 -1.30 1.48 0.34
CA CYS A 43 -1.12 1.60 1.78
C CYS A 43 -0.48 0.33 2.33
N ILE A 44 0.26 0.47 3.44
CA ILE A 44 0.92 -0.68 4.04
C ILE A 44 0.14 -1.14 5.26
N SER A 45 -0.51 -2.29 5.13
CA SER A 45 -1.28 -2.85 6.22
C SER A 45 -1.46 -4.36 5.99
N THR A 46 -1.27 -5.13 7.05
CA THR A 46 -1.42 -6.58 6.97
C THR A 46 -2.85 -6.98 7.28
N LYS A 47 -3.19 -8.24 6.99
CA LYS A 47 -4.53 -8.74 7.27
C LYS A 47 -4.87 -8.55 8.73
N LYS A 48 -3.90 -8.79 9.59
CA LYS A 48 -4.16 -8.65 11.01
C LYS A 48 -4.68 -7.25 11.28
N GLU A 49 -4.06 -6.25 10.65
CA GLU A 49 -4.48 -4.85 10.83
C GLU A 49 -5.83 -4.53 10.17
N VAL A 50 -6.02 -5.03 8.96
CA VAL A 50 -7.27 -4.77 8.22
C VAL A 50 -8.45 -5.42 8.92
N GLU A 51 -8.25 -6.65 9.38
CA GLU A 51 -9.30 -7.40 10.03
C GLU A 51 -9.90 -6.64 11.22
N LYS A 52 -9.10 -5.87 11.91
CA LYS A 52 -9.56 -5.12 13.07
C LYS A 52 -10.61 -4.07 12.67
N MET A 53 -10.37 -3.44 11.53
CA MET A 53 -11.27 -2.38 11.04
C MET A 53 -11.32 -1.24 12.04
N SER A 54 -10.14 -0.72 12.38
CA SER A 54 -10.01 0.37 13.34
C SER A 54 -10.25 1.73 12.67
N LYS A 55 -10.09 2.79 13.45
CA LYS A 55 -10.31 4.16 12.96
C LYS A 55 -9.39 4.48 11.79
N LYS A 56 -8.12 4.11 11.89
CA LYS A 56 -7.16 4.38 10.83
C LYS A 56 -7.58 3.66 9.54
N MET A 57 -8.05 2.42 9.69
CA MET A 57 -8.51 1.66 8.55
C MET A 57 -9.69 2.38 7.90
N GLU A 58 -10.53 2.97 8.74
CA GLU A 58 -11.69 3.70 8.28
C GLU A 58 -11.24 4.83 7.35
N GLU A 59 -10.14 5.48 7.70
CA GLU A 59 -9.62 6.57 6.88
C GLU A 59 -9.18 6.02 5.52
N VAL A 60 -8.51 4.87 5.57
CA VAL A 60 -8.01 4.24 4.36
C VAL A 60 -9.17 3.82 3.45
N LYS A 61 -10.16 3.16 4.02
CA LYS A 61 -11.31 2.72 3.25
C LYS A 61 -12.08 3.91 2.68
N ALA A 62 -12.28 4.93 3.51
CA ALA A 62 -13.00 6.12 3.08
C ALA A 62 -12.11 7.01 2.23
N ALA A 63 -10.81 6.71 2.19
CA ALA A 63 -9.87 7.51 1.41
C ALA A 63 -9.69 6.89 0.04
N ASN A 64 -10.34 5.75 -0.19
CA ASN A 64 -10.24 5.08 -1.48
C ASN A 64 -8.79 4.74 -1.82
N VAL A 65 -8.13 4.02 -0.92
CA VAL A 65 -6.74 3.59 -1.14
C VAL A 65 -6.65 2.08 -1.01
N ARG A 66 -6.10 1.44 -2.02
CA ARG A 66 -5.96 -0.01 -1.99
C ARG A 66 -4.99 -0.38 -0.88
N VAL A 67 -5.16 -1.55 -0.32
CA VAL A 67 -4.34 -2.01 0.80
C VAL A 67 -3.53 -3.24 0.43
N VAL A 68 -2.24 -3.21 0.73
CA VAL A 68 -1.35 -4.35 0.46
C VAL A 68 -0.48 -4.60 1.68
N CYS A 69 0.03 -5.82 1.80
CA CYS A 69 0.89 -6.16 2.94
C CYS A 69 2.29 -5.62 2.70
N GLU A 70 3.02 -5.39 3.78
CA GLU A 70 4.36 -4.83 3.69
C GLU A 70 5.28 -5.76 2.90
N ASP A 71 5.06 -7.06 3.03
CA ASP A 71 5.87 -8.04 2.31
C ASP A 71 5.95 -7.64 0.85
N PHE A 72 5.07 -6.72 0.45
CA PHE A 72 5.05 -6.20 -0.90
C PHE A 72 6.40 -5.57 -1.21
N LEU A 73 6.93 -4.84 -0.22
CA LEU A 73 8.21 -4.18 -0.39
C LEU A 73 9.27 -5.23 -0.67
N GLN A 74 9.20 -6.34 0.04
CA GLN A 74 10.15 -7.43 -0.16
C GLN A 74 9.97 -8.04 -1.54
N ASP A 75 8.72 -8.16 -1.96
CA ASP A 75 8.40 -8.78 -3.25
C ASP A 75 8.99 -7.99 -4.43
N VAL A 76 8.80 -6.67 -4.45
CA VAL A 76 9.36 -5.88 -5.54
C VAL A 76 10.86 -5.83 -5.41
N SER A 77 11.30 -5.74 -4.17
CA SER A 77 12.74 -5.67 -3.90
C SER A 77 13.44 -6.95 -4.37
N ALA A 78 12.82 -8.10 -4.10
CA ALA A 78 13.40 -9.38 -4.49
C ALA A 78 13.07 -9.70 -5.95
N SER A 79 11.78 -9.85 -6.24
CA SER A 79 11.32 -10.18 -7.60
C SER A 79 10.69 -8.96 -8.27
N ALA A 80 11.20 -8.62 -9.46
CA ALA A 80 10.67 -7.49 -10.22
C ALA A 80 9.89 -8.00 -11.42
N LYS A 81 8.74 -8.61 -11.16
CA LYS A 81 7.90 -9.15 -12.23
C LYS A 81 6.70 -8.23 -12.48
N SER A 82 5.62 -8.79 -12.98
CA SER A 82 4.43 -7.99 -13.30
C SER A 82 3.85 -7.36 -12.04
N LEU A 83 3.56 -6.06 -12.14
CA LEU A 83 2.99 -5.31 -11.04
C LEU A 83 1.61 -5.85 -10.72
N GLN A 84 0.88 -6.12 -11.81
CA GLN A 84 -0.49 -6.62 -11.74
C GLN A 84 -0.54 -7.94 -10.97
N GLU A 85 0.42 -8.81 -11.25
CA GLU A 85 0.46 -10.10 -10.58
C GLU A 85 0.74 -9.90 -9.10
N LEU A 86 1.61 -8.95 -8.78
CA LEU A 86 1.96 -8.70 -7.37
C LEU A 86 0.75 -8.20 -6.57
N LEU A 87 -0.01 -7.27 -7.14
CA LEU A 87 -1.17 -6.72 -6.43
C LEU A 87 -2.37 -7.64 -6.53
N SER A 88 -2.35 -8.57 -7.48
CA SER A 88 -3.47 -9.48 -7.64
C SER A 88 -3.63 -10.35 -6.40
N ALA A 89 -2.50 -10.81 -5.85
CA ALA A 89 -2.53 -11.67 -4.67
C ALA A 89 -2.24 -10.88 -3.39
N HIS A 90 -1.59 -9.74 -3.52
CA HIS A 90 -1.26 -8.91 -2.34
C HIS A 90 -2.37 -7.91 -2.05
N SER A 91 -3.32 -7.76 -2.97
CA SER A 91 -4.40 -6.82 -2.78
C SER A 91 -5.32 -7.29 -1.66
N LEU A 92 -5.04 -6.77 -0.48
CA LEU A 92 -5.82 -7.09 0.69
C LEU A 92 -7.21 -6.46 0.59
N SER A 93 -7.32 -5.43 -0.24
CA SER A 93 -8.59 -4.71 -0.40
C SER A 93 -9.00 -4.63 -1.87
N SER A 94 -10.30 -4.47 -2.09
CA SER A 94 -10.86 -4.38 -3.45
C SER A 94 -11.23 -2.94 -3.80
N TRP A 95 -10.60 -1.97 -3.13
CA TRP A 95 -10.88 -0.56 -3.37
C TRP A 95 -9.58 0.22 -3.55
N GLY A 96 -9.70 1.50 -3.90
CA GLY A 96 -8.52 2.33 -4.12
C GLY A 96 -8.80 3.54 -5.00
N ALA A 97 -10.01 3.60 -5.56
CA ALA A 97 -10.40 4.71 -6.43
C ALA A 97 -11.76 4.42 -7.08
N GLU A 98 -12.62 3.68 -6.37
CA GLU A 98 -13.94 3.34 -6.91
C GLU A 98 -15.00 4.31 -6.41
N VAL A 99 -15.93 4.64 -7.30
CA VAL A 99 -17.02 5.57 -6.99
C VAL A 99 -18.35 5.02 -7.52
N LYS A 100 -19.45 5.59 -7.02
CA LYS A 100 -20.78 5.13 -7.43
C LYS A 100 -21.72 6.32 -7.59
N HIS A 101 -22.36 6.72 -6.48
CA HIS A 101 -23.28 7.85 -6.50
C HIS A 101 -22.57 9.13 -6.08
N HIS A 102 -21.32 8.97 -5.63
CA HIS A 102 -20.50 10.08 -5.19
C HIS A 102 -21.18 10.82 -4.03
N HIS A 103 -20.36 11.44 -3.19
CA HIS A 103 -20.87 12.18 -2.04
C HIS A 103 -19.94 13.35 -1.72
N HIS A 104 -20.23 14.50 -2.32
CA HIS A 104 -19.42 15.70 -2.13
C HIS A 104 -20.08 16.66 -1.14
N HIS A 105 -20.90 16.12 -0.24
CA HIS A 105 -21.58 16.95 0.75
C HIS A 105 -21.83 16.17 2.04
N HIS A 106 -22.14 16.91 3.10
CA HIS A 106 -22.40 16.31 4.42
C HIS A 106 -23.85 16.56 4.82
N MET A 1 12.69 -2.47 -10.46
CA MET A 1 12.26 -1.91 -11.77
C MET A 1 11.18 -0.86 -11.53
N LYS A 2 11.62 0.32 -11.07
CA LYS A 2 10.72 1.44 -10.80
C LYS A 2 9.37 0.97 -10.28
N PRO A 3 9.33 0.26 -9.18
CA PRO A 3 8.06 -0.25 -8.60
C PRO A 3 7.35 0.78 -7.74
N LEU A 4 8.05 1.29 -6.72
CA LEU A 4 7.47 2.30 -5.82
C LEU A 4 7.92 3.71 -6.22
N SER A 5 8.72 3.80 -7.27
CA SER A 5 9.25 5.10 -7.71
C SER A 5 8.22 5.90 -8.51
N ASN A 6 7.08 5.28 -8.83
CA ASN A 6 6.04 5.95 -9.60
C ASN A 6 4.77 6.13 -8.77
N MET A 7 4.89 5.95 -7.46
CA MET A 7 3.73 6.06 -6.58
C MET A 7 4.15 6.47 -5.17
N LYS A 8 3.17 6.98 -4.41
CA LYS A 8 3.39 7.41 -3.03
C LYS A 8 2.90 6.33 -2.06
N ILE A 9 3.46 6.34 -0.85
CA ILE A 9 3.15 5.34 0.17
C ILE A 9 2.68 5.95 1.48
N LEU A 10 1.68 5.31 2.09
CA LEU A 10 1.13 5.76 3.37
C LEU A 10 1.26 4.66 4.42
N THR A 11 1.64 5.04 5.64
CA THR A 11 1.78 4.06 6.73
C THR A 11 0.54 4.12 7.61
N LEU A 12 -0.26 3.06 7.59
CA LEU A 12 -1.50 3.02 8.36
C LEU A 12 -1.20 3.09 9.86
N GLY A 13 -0.20 2.34 10.31
CA GLY A 13 0.16 2.33 11.72
C GLY A 13 1.28 1.35 12.03
N LYS A 14 0.90 0.14 12.43
CA LYS A 14 1.88 -0.88 12.78
C LYS A 14 2.62 -1.36 11.53
N LEU A 15 3.95 -1.41 11.60
CA LEU A 15 4.76 -1.85 10.46
C LEU A 15 5.63 -3.05 10.87
N SER A 16 5.63 -4.09 10.05
CA SER A 16 6.42 -5.29 10.34
C SER A 16 7.90 -4.98 10.40
N GLN A 17 8.41 -4.24 9.40
CA GLN A 17 9.82 -3.88 9.37
C GLN A 17 10.12 -2.85 10.45
N ASN A 18 11.39 -2.55 10.67
CA ASN A 18 11.77 -1.58 11.68
C ASN A 18 11.89 -0.19 11.06
N LYS A 19 12.04 0.80 11.93
CA LYS A 19 12.14 2.20 11.51
C LYS A 19 13.17 2.43 10.41
N ASP A 20 14.44 2.33 10.78
CA ASP A 20 15.53 2.60 9.86
C ASP A 20 15.51 1.75 8.59
N GLU A 21 15.34 0.44 8.74
CA GLU A 21 15.34 -0.44 7.57
C GLU A 21 14.12 -0.25 6.69
N ALA A 22 12.94 -0.10 7.30
CA ALA A 22 11.72 0.08 6.53
C ALA A 22 11.87 1.31 5.63
N LYS A 23 12.31 2.39 6.26
CA LYS A 23 12.50 3.66 5.56
C LYS A 23 13.56 3.52 4.49
N ALA A 24 14.65 2.84 4.83
CA ALA A 24 15.75 2.62 3.89
C ALA A 24 15.27 1.84 2.67
N MET A 25 14.55 0.75 2.92
CA MET A 25 14.03 -0.07 1.84
C MET A 25 13.05 0.71 0.98
N ILE A 26 12.15 1.44 1.61
CA ILE A 26 11.15 2.22 0.88
C ILE A 26 11.80 3.29 -0.01
N GLU A 27 12.77 4.01 0.54
CA GLU A 27 13.45 5.04 -0.24
C GLU A 27 14.33 4.43 -1.31
N LYS A 28 14.89 3.25 -1.04
CA LYS A 28 15.75 2.59 -2.00
C LYS A 28 15.03 2.31 -3.32
N LEU A 29 13.81 1.79 -3.24
CA LEU A 29 13.05 1.50 -4.45
C LEU A 29 12.78 2.81 -5.18
N GLY A 30 12.44 3.81 -4.39
CA GLY A 30 12.08 5.12 -4.88
C GLY A 30 10.81 5.56 -4.18
N GLY A 31 10.27 4.66 -3.36
CA GLY A 31 9.05 4.94 -2.62
C GLY A 31 9.24 6.14 -1.69
N LYS A 32 8.15 6.85 -1.42
CA LYS A 32 8.18 8.03 -0.55
C LYS A 32 7.05 7.97 0.47
N LEU A 33 7.28 8.57 1.63
CA LEU A 33 6.27 8.61 2.69
C LEU A 33 5.57 9.96 2.69
N THR A 34 4.31 9.99 2.24
CA THR A 34 3.56 11.24 2.19
C THR A 34 2.09 10.98 1.86
N GLY A 35 1.27 12.00 2.11
CA GLY A 35 -0.17 11.93 1.82
C GLY A 35 -0.97 11.64 3.09
N SER A 36 -1.98 12.47 3.33
CA SER A 36 -2.84 12.29 4.50
C SER A 36 -3.69 11.03 4.38
N ALA A 37 -4.16 10.74 3.16
CA ALA A 37 -4.99 9.56 2.95
C ALA A 37 -5.03 9.17 1.45
N ASN A 38 -5.99 9.71 0.71
CA ASN A 38 -6.14 9.40 -0.72
C ASN A 38 -4.94 9.87 -1.55
N LYS A 39 -4.31 10.95 -1.12
CA LYS A 39 -3.17 11.48 -1.85
C LYS A 39 -2.14 10.38 -2.11
N ALA A 40 -1.99 9.47 -1.15
CA ALA A 40 -1.04 8.36 -1.31
C ALA A 40 -1.57 7.36 -2.34
N SER A 41 -0.75 6.36 -2.69
CA SER A 41 -1.18 5.36 -3.67
C SER A 41 -1.63 4.09 -2.96
N LEU A 42 -0.67 3.31 -2.50
CA LEU A 42 -0.95 2.07 -1.79
C LEU A 42 -0.43 2.19 -0.35
N CYS A 43 -1.33 1.98 0.60
CA CYS A 43 -0.96 2.06 2.01
C CYS A 43 -0.35 0.75 2.48
N ILE A 44 0.64 0.85 3.37
CA ILE A 44 1.30 -0.35 3.90
C ILE A 44 0.61 -0.81 5.17
N SER A 45 -0.08 -1.94 5.07
CA SER A 45 -0.80 -2.50 6.21
C SER A 45 -0.96 -4.02 6.06
N THR A 46 -0.78 -4.73 7.16
CA THR A 46 -0.91 -6.19 7.16
C THR A 46 -2.37 -6.60 7.29
N LYS A 47 -2.62 -7.89 7.07
CA LYS A 47 -3.98 -8.40 7.17
C LYS A 47 -4.48 -8.20 8.59
N LYS A 48 -3.58 -8.40 9.55
CA LYS A 48 -3.93 -8.26 10.95
C LYS A 48 -4.46 -6.85 11.23
N GLU A 49 -3.83 -5.85 10.64
CA GLU A 49 -4.26 -4.47 10.84
C GLU A 49 -5.65 -4.24 10.25
N VAL A 50 -5.88 -4.81 9.07
CA VAL A 50 -7.16 -4.67 8.37
C VAL A 50 -8.31 -5.31 9.14
N GLU A 51 -8.08 -6.49 9.68
CA GLU A 51 -9.10 -7.24 10.43
C GLU A 51 -9.70 -6.38 11.53
N LYS A 52 -8.92 -5.46 12.04
CA LYS A 52 -9.37 -4.61 13.12
C LYS A 52 -10.51 -3.69 12.69
N MET A 53 -10.38 -3.14 11.48
CA MET A 53 -11.36 -2.21 10.96
C MET A 53 -11.50 -1.04 11.92
N SER A 54 -10.37 -0.50 12.33
CA SER A 54 -10.33 0.62 13.26
C SER A 54 -10.73 1.91 12.56
N LYS A 55 -10.85 2.98 13.33
CA LYS A 55 -11.20 4.29 12.78
C LYS A 55 -10.16 4.71 11.75
N LYS A 56 -8.90 4.40 12.03
CA LYS A 56 -7.80 4.71 11.13
C LYS A 56 -7.98 3.96 9.81
N MET A 57 -8.40 2.70 9.91
CA MET A 57 -8.62 1.88 8.72
C MET A 57 -9.72 2.51 7.84
N GLU A 58 -10.76 3.02 8.48
CA GLU A 58 -11.88 3.62 7.76
C GLU A 58 -11.41 4.78 6.91
N GLU A 59 -10.38 5.48 7.36
CA GLU A 59 -9.88 6.62 6.61
C GLU A 59 -9.29 6.14 5.29
N VAL A 60 -8.49 5.08 5.35
CA VAL A 60 -7.86 4.53 4.17
C VAL A 60 -8.93 3.99 3.22
N LYS A 61 -9.87 3.24 3.80
CA LYS A 61 -10.95 2.64 3.03
C LYS A 61 -11.87 3.71 2.42
N ALA A 62 -12.21 4.73 3.21
CA ALA A 62 -13.06 5.81 2.74
C ALA A 62 -12.28 6.77 1.86
N ALA A 63 -10.96 6.62 1.88
CA ALA A 63 -10.07 7.46 1.09
C ALA A 63 -9.75 6.81 -0.24
N ASN A 64 -10.31 5.62 -0.45
CA ASN A 64 -10.08 4.88 -1.70
C ASN A 64 -8.60 4.64 -1.91
N VAL A 65 -7.98 3.98 -0.94
CA VAL A 65 -6.56 3.64 -1.00
C VAL A 65 -6.38 2.14 -0.83
N ARG A 66 -5.86 1.48 -1.86
CA ARG A 66 -5.63 0.05 -1.79
C ARG A 66 -4.57 -0.24 -0.75
N VAL A 67 -4.56 -1.46 -0.22
CA VAL A 67 -3.59 -1.84 0.81
C VAL A 67 -2.60 -2.86 0.26
N VAL A 68 -1.31 -2.62 0.52
CA VAL A 68 -0.23 -3.50 0.06
C VAL A 68 0.59 -3.98 1.25
N CYS A 69 0.88 -5.28 1.28
CA CYS A 69 1.64 -5.86 2.40
C CYS A 69 3.13 -5.57 2.26
N GLU A 70 3.87 -5.68 3.36
CA GLU A 70 5.32 -5.40 3.34
C GLU A 70 6.08 -6.38 2.46
N ASP A 71 5.64 -7.64 2.39
CA ASP A 71 6.34 -8.61 1.56
C ASP A 71 6.37 -8.14 0.12
N PHE A 72 5.52 -7.17 -0.18
CA PHE A 72 5.45 -6.56 -1.50
C PHE A 72 6.80 -5.92 -1.83
N LEU A 73 7.37 -5.25 -0.84
CA LEU A 73 8.63 -4.56 -1.01
C LEU A 73 9.73 -5.54 -1.39
N GLN A 74 9.73 -6.69 -0.73
CA GLN A 74 10.74 -7.72 -1.00
C GLN A 74 10.57 -8.32 -2.40
N ASP A 75 9.32 -8.53 -2.79
CA ASP A 75 9.01 -9.14 -4.08
C ASP A 75 9.49 -8.27 -5.24
N VAL A 76 9.17 -6.99 -5.19
CA VAL A 76 9.58 -6.09 -6.27
C VAL A 76 11.08 -5.91 -6.28
N SER A 77 11.65 -5.84 -5.10
CA SER A 77 13.09 -5.64 -4.98
C SER A 77 13.85 -6.80 -5.61
N ALA A 78 13.33 -8.02 -5.42
CA ALA A 78 13.98 -9.22 -5.95
C ALA A 78 13.26 -9.79 -7.17
N SER A 79 12.03 -10.25 -6.96
CA SER A 79 11.24 -10.86 -8.03
C SER A 79 10.99 -9.89 -9.19
N ALA A 80 10.68 -8.64 -8.87
CA ALA A 80 10.44 -7.62 -9.89
C ALA A 80 9.44 -8.09 -10.95
N LYS A 81 8.37 -8.74 -10.52
CA LYS A 81 7.35 -9.22 -11.45
C LYS A 81 6.42 -8.11 -11.87
N SER A 82 5.34 -8.53 -12.52
CA SER A 82 4.30 -7.61 -12.99
C SER A 82 3.49 -7.10 -11.80
N LEU A 83 3.08 -5.85 -11.87
CA LEU A 83 2.31 -5.25 -10.80
C LEU A 83 0.96 -5.94 -10.62
N GLN A 84 0.30 -6.26 -11.73
CA GLN A 84 -1.02 -6.88 -11.66
C GLN A 84 -0.96 -8.23 -10.95
N GLU A 85 0.02 -9.04 -11.28
CA GLU A 85 0.15 -10.34 -10.65
C GLU A 85 0.51 -10.15 -9.18
N LEU A 86 1.34 -9.15 -8.91
CA LEU A 86 1.77 -8.87 -7.54
C LEU A 86 0.60 -8.46 -6.65
N LEU A 87 -0.29 -7.60 -7.14
CA LEU A 87 -1.41 -7.16 -6.33
C LEU A 87 -2.54 -8.18 -6.36
N SER A 88 -2.42 -9.15 -7.25
CA SER A 88 -3.45 -10.18 -7.33
C SER A 88 -3.52 -10.98 -6.04
N ALA A 89 -2.34 -11.28 -5.49
CA ALA A 89 -2.26 -12.08 -4.25
C ALA A 89 -1.84 -11.24 -3.04
N HIS A 90 -1.08 -10.18 -3.26
CA HIS A 90 -0.63 -9.35 -2.15
C HIS A 90 -1.70 -8.37 -1.70
N SER A 91 -2.66 -8.09 -2.57
CA SER A 91 -3.70 -7.16 -2.24
C SER A 91 -4.49 -7.67 -1.06
N LEU A 92 -4.52 -6.85 -0.04
CA LEU A 92 -5.24 -7.14 1.19
C LEU A 92 -6.59 -6.44 1.19
N SER A 93 -6.89 -5.75 0.09
CA SER A 93 -8.16 -5.02 0.00
C SER A 93 -8.65 -4.99 -1.44
N SER A 94 -9.95 -4.72 -1.64
CA SER A 94 -10.53 -4.68 -2.98
C SER A 94 -11.05 -3.27 -3.31
N TRP A 95 -10.30 -2.26 -2.88
CA TRP A 95 -10.66 -0.87 -3.14
C TRP A 95 -9.40 -0.05 -3.42
N GLY A 96 -9.58 1.13 -4.01
CA GLY A 96 -8.44 1.98 -4.35
C GLY A 96 -8.76 2.82 -5.59
N ALA A 97 -9.88 3.54 -5.52
CA ALA A 97 -10.30 4.39 -6.63
C ALA A 97 -10.97 3.54 -7.72
N GLU A 98 -12.13 2.99 -7.39
CA GLU A 98 -12.87 2.16 -8.34
C GLU A 98 -11.98 1.04 -8.87
N VAL A 99 -12.59 0.04 -9.50
CA VAL A 99 -11.84 -1.09 -10.06
C VAL A 99 -12.09 -1.23 -11.56
N LYS A 100 -11.01 -1.29 -12.32
CA LYS A 100 -11.07 -1.42 -13.77
C LYS A 100 -10.66 -2.83 -14.18
N HIS A 101 -9.57 -3.30 -13.59
CA HIS A 101 -9.05 -4.63 -13.85
C HIS A 101 -9.86 -5.68 -13.08
N HIS A 102 -11.19 -5.58 -13.16
CA HIS A 102 -12.05 -6.51 -12.45
C HIS A 102 -11.68 -7.95 -12.77
N HIS A 103 -11.14 -8.64 -11.77
CA HIS A 103 -10.74 -10.04 -11.91
C HIS A 103 -10.86 -10.76 -10.58
N HIS A 104 -11.32 -10.04 -9.57
CA HIS A 104 -11.49 -10.60 -8.24
C HIS A 104 -12.44 -11.79 -8.26
N HIS A 105 -13.58 -11.62 -8.94
CA HIS A 105 -14.58 -12.68 -9.05
C HIS A 105 -14.69 -13.17 -10.50
N HIS A 106 -14.79 -14.49 -10.67
CA HIS A 106 -14.90 -15.06 -12.00
C HIS A 106 -15.24 -16.55 -11.90
N MET A 1 11.45 -2.98 -12.23
CA MET A 1 12.20 -1.70 -12.42
C MET A 1 11.28 -0.52 -12.09
N LYS A 2 11.80 0.42 -11.31
CA LYS A 2 11.01 1.60 -10.95
C LYS A 2 9.63 1.19 -10.43
N PRO A 3 9.59 0.46 -9.36
CA PRO A 3 8.29 -0.02 -8.78
C PRO A 3 7.57 1.07 -7.98
N LEU A 4 8.29 1.71 -7.06
CA LEU A 4 7.70 2.76 -6.21
C LEU A 4 8.13 4.16 -6.65
N SER A 5 8.89 4.26 -7.73
CA SER A 5 9.35 5.57 -8.20
C SER A 5 8.21 6.39 -8.78
N ASN A 6 7.10 5.73 -9.13
CA ASN A 6 5.96 6.42 -9.73
C ASN A 6 4.83 6.61 -8.73
N MET A 7 5.03 6.21 -7.48
CA MET A 7 3.95 6.33 -6.49
C MET A 7 4.48 6.60 -5.09
N LYS A 8 3.55 7.00 -4.22
CA LYS A 8 3.86 7.27 -2.81
C LYS A 8 3.42 6.08 -1.98
N ILE A 9 3.71 6.13 -0.68
CA ILE A 9 3.34 5.04 0.24
C ILE A 9 2.88 5.62 1.56
N LEU A 10 2.00 4.89 2.27
CA LEU A 10 1.49 5.34 3.56
C LEU A 10 1.61 4.24 4.60
N THR A 11 1.97 4.62 5.82
CA THR A 11 2.08 3.66 6.92
C THR A 11 0.93 3.92 7.90
N LEU A 12 -0.07 3.06 7.86
CA LEU A 12 -1.22 3.21 8.74
C LEU A 12 -0.77 3.08 10.19
N GLY A 13 0.09 2.10 10.45
CA GLY A 13 0.60 1.89 11.79
C GLY A 13 1.35 0.57 11.89
N LYS A 14 2.21 0.47 12.90
CA LYS A 14 2.99 -0.76 13.12
C LYS A 14 3.80 -1.12 11.88
N LEU A 15 4.91 -1.81 12.10
CA LEU A 15 5.75 -2.22 10.97
C LEU A 15 6.79 -3.24 11.43
N SER A 16 6.85 -4.38 10.75
CA SER A 16 7.82 -5.42 11.09
C SER A 16 9.24 -4.91 10.85
N GLN A 17 9.45 -4.24 9.73
CA GLN A 17 10.76 -3.71 9.38
C GLN A 17 11.17 -2.58 10.31
N ASN A 18 12.48 -2.44 10.50
CA ASN A 18 13.03 -1.39 11.36
C ASN A 18 12.90 -0.06 10.62
N LYS A 19 12.96 1.04 11.35
CA LYS A 19 12.82 2.33 10.70
C LYS A 19 13.88 2.50 9.59
N ASP A 20 15.13 2.19 9.91
CA ASP A 20 16.22 2.34 8.96
C ASP A 20 16.06 1.42 7.76
N GLU A 21 15.79 0.14 8.02
CA GLU A 21 15.66 -0.82 6.94
C GLU A 21 14.44 -0.52 6.08
N ALA A 22 13.32 -0.21 6.72
CA ALA A 22 12.11 0.09 5.97
C ALA A 22 12.29 1.34 5.11
N LYS A 23 12.70 2.44 5.75
CA LYS A 23 12.88 3.72 5.07
C LYS A 23 13.96 3.64 4.00
N ALA A 24 15.06 3.00 4.31
CA ALA A 24 16.15 2.89 3.36
C ALA A 24 15.70 2.18 2.08
N MET A 25 15.07 1.02 2.23
CA MET A 25 14.61 0.28 1.06
C MET A 25 13.51 1.01 0.30
N ILE A 26 12.60 1.65 1.01
CA ILE A 26 11.51 2.37 0.35
C ILE A 26 12.03 3.53 -0.51
N GLU A 27 12.97 4.31 0.02
CA GLU A 27 13.53 5.43 -0.74
C GLU A 27 14.52 4.97 -1.81
N LYS A 28 15.11 3.80 -1.62
CA LYS A 28 16.08 3.30 -2.60
C LYS A 28 15.40 3.15 -3.96
N LEU A 29 14.21 2.56 -3.94
CA LEU A 29 13.43 2.34 -5.16
C LEU A 29 13.05 3.68 -5.74
N GLY A 30 12.70 4.57 -4.84
CA GLY A 30 12.25 5.91 -5.17
C GLY A 30 10.96 6.16 -4.42
N GLY A 31 10.54 5.13 -3.67
CA GLY A 31 9.32 5.23 -2.88
C GLY A 31 9.43 6.38 -1.88
N LYS A 32 8.29 6.95 -1.51
CA LYS A 32 8.26 8.07 -0.57
C LYS A 32 7.08 7.94 0.38
N LEU A 33 7.24 8.48 1.59
CA LEU A 33 6.18 8.44 2.59
C LEU A 33 5.41 9.76 2.57
N THR A 34 4.09 9.68 2.67
CA THR A 34 3.24 10.86 2.66
C THR A 34 2.19 10.77 3.75
N GLY A 35 1.61 11.91 4.10
CA GLY A 35 0.57 11.96 5.12
C GLY A 35 -0.79 11.71 4.49
N SER A 36 -1.78 12.55 4.86
CA SER A 36 -3.13 12.40 4.30
C SER A 36 -3.49 10.93 4.17
N ALA A 37 -4.27 10.58 3.14
CA ALA A 37 -4.67 9.20 2.92
C ALA A 37 -4.72 8.90 1.42
N ASN A 38 -5.66 9.52 0.73
CA ASN A 38 -5.83 9.30 -0.71
C ASN A 38 -4.60 9.74 -1.51
N LYS A 39 -3.83 10.68 -0.97
CA LYS A 39 -2.64 11.15 -1.68
C LYS A 39 -1.71 9.96 -1.93
N ALA A 40 -1.66 9.05 -0.98
CA ALA A 40 -0.80 7.86 -1.13
C ALA A 40 -1.39 6.90 -2.14
N SER A 41 -0.60 5.89 -2.56
CA SER A 41 -1.09 4.91 -3.53
C SER A 41 -1.45 3.63 -2.81
N LEU A 42 -0.42 2.94 -2.32
CA LEU A 42 -0.60 1.68 -1.59
C LEU A 42 -0.19 1.84 -0.13
N CYS A 43 -1.16 1.63 0.75
CA CYS A 43 -0.92 1.73 2.19
C CYS A 43 -0.35 0.42 2.74
N ILE A 44 0.63 0.54 3.63
CA ILE A 44 1.27 -0.64 4.22
C ILE A 44 0.49 -1.10 5.43
N SER A 45 -0.12 -2.28 5.31
CA SER A 45 -0.88 -2.86 6.41
C SER A 45 -1.16 -4.33 6.14
N THR A 46 -1.22 -5.12 7.22
CA THR A 46 -1.48 -6.55 7.12
C THR A 46 -2.98 -6.82 7.22
N LYS A 47 -3.38 -8.03 6.84
CA LYS A 47 -4.77 -8.42 6.89
C LYS A 47 -5.29 -8.34 8.32
N LYS A 48 -4.48 -8.77 9.28
CA LYS A 48 -4.91 -8.74 10.67
C LYS A 48 -5.33 -7.33 11.03
N GLU A 49 -4.55 -6.34 10.62
CA GLU A 49 -4.85 -4.95 10.90
C GLU A 49 -6.16 -4.55 10.23
N VAL A 50 -6.36 -5.04 9.01
CA VAL A 50 -7.58 -4.74 8.27
C VAL A 50 -8.79 -5.35 8.98
N GLU A 51 -8.65 -6.58 9.45
CA GLU A 51 -9.74 -7.27 10.12
C GLU A 51 -10.22 -6.46 11.32
N LYS A 52 -9.37 -5.55 11.78
CA LYS A 52 -9.72 -4.70 12.92
C LYS A 52 -10.92 -3.84 12.55
N MET A 53 -10.89 -3.34 11.32
CA MET A 53 -11.96 -2.48 10.84
C MET A 53 -12.18 -1.33 11.81
N SER A 54 -11.09 -0.70 12.20
CA SER A 54 -11.15 0.42 13.13
C SER A 54 -11.41 1.73 12.37
N LYS A 55 -11.49 2.83 13.10
CA LYS A 55 -11.73 4.13 12.47
C LYS A 55 -10.63 4.46 11.49
N LYS A 56 -9.39 4.17 11.87
CA LYS A 56 -8.24 4.43 11.02
C LYS A 56 -8.36 3.68 9.69
N MET A 57 -8.77 2.42 9.74
CA MET A 57 -8.94 1.64 8.53
C MET A 57 -10.01 2.29 7.64
N GLU A 58 -11.04 2.78 8.29
CA GLU A 58 -12.16 3.42 7.60
C GLU A 58 -11.66 4.62 6.79
N GLU A 59 -10.67 5.33 7.34
CA GLU A 59 -10.12 6.51 6.66
C GLU A 59 -9.45 6.09 5.37
N VAL A 60 -8.72 4.99 5.44
CA VAL A 60 -8.02 4.46 4.27
C VAL A 60 -9.07 4.07 3.22
N LYS A 61 -10.10 3.39 3.71
CA LYS A 61 -11.22 2.94 2.87
C LYS A 61 -11.96 4.10 2.23
N ALA A 62 -12.30 5.10 3.02
CA ALA A 62 -13.03 6.26 2.51
C ALA A 62 -12.10 7.15 1.69
N ALA A 63 -10.81 6.94 1.86
CA ALA A 63 -9.81 7.72 1.13
C ALA A 63 -9.51 7.04 -0.20
N ASN A 64 -10.15 5.89 -0.42
CA ASN A 64 -9.96 5.14 -1.65
C ASN A 64 -8.51 4.77 -1.85
N VAL A 65 -7.93 4.11 -0.84
CA VAL A 65 -6.55 3.67 -0.91
C VAL A 65 -6.49 2.16 -0.73
N ARG A 66 -5.90 1.47 -1.67
CA ARG A 66 -5.79 0.03 -1.58
C ARG A 66 -4.79 -0.28 -0.47
N VAL A 67 -4.89 -1.47 0.10
CA VAL A 67 -3.99 -1.87 1.18
C VAL A 67 -3.04 -2.93 0.65
N VAL A 68 -1.74 -2.76 0.91
CA VAL A 68 -0.74 -3.72 0.42
C VAL A 68 0.09 -4.26 1.57
N CYS A 69 0.38 -5.55 1.49
CA CYS A 69 1.18 -6.21 2.51
C CYS A 69 2.63 -5.69 2.47
N GLU A 70 3.32 -5.77 3.61
CA GLU A 70 4.69 -5.29 3.73
C GLU A 70 5.65 -6.11 2.87
N ASP A 71 5.38 -7.39 2.73
CA ASP A 71 6.24 -8.27 1.96
C ASP A 71 6.33 -7.76 0.52
N PHE A 72 5.43 -6.86 0.19
CA PHE A 72 5.40 -6.26 -1.13
C PHE A 72 6.70 -5.54 -1.44
N LEU A 73 7.21 -4.80 -0.46
CA LEU A 73 8.44 -4.05 -0.67
C LEU A 73 9.55 -5.01 -1.05
N GLN A 74 9.59 -6.13 -0.36
CA GLN A 74 10.61 -7.14 -0.64
C GLN A 74 10.33 -7.85 -1.97
N ASP A 75 9.05 -8.03 -2.30
CA ASP A 75 8.68 -8.71 -3.54
C ASP A 75 9.13 -7.93 -4.76
N VAL A 76 8.88 -6.63 -4.79
CA VAL A 76 9.31 -5.84 -5.95
C VAL A 76 10.81 -5.78 -5.98
N SER A 77 11.42 -5.65 -4.80
CA SER A 77 12.87 -5.59 -4.70
C SER A 77 13.50 -6.87 -5.22
N ALA A 78 12.93 -8.01 -4.84
CA ALA A 78 13.45 -9.32 -5.25
C ALA A 78 12.74 -9.82 -6.51
N SER A 79 11.45 -10.13 -6.38
CA SER A 79 10.68 -10.63 -7.51
C SER A 79 10.57 -9.57 -8.59
N ALA A 80 10.61 -10.01 -9.85
CA ALA A 80 10.54 -9.08 -10.99
C ALA A 80 9.32 -9.36 -11.86
N LYS A 81 8.27 -9.91 -11.26
CA LYS A 81 7.05 -10.20 -12.03
C LYS A 81 6.32 -8.92 -12.38
N SER A 82 5.07 -9.10 -12.77
CA SER A 82 4.20 -7.99 -13.12
C SER A 82 3.68 -7.29 -11.87
N LEU A 83 3.52 -5.99 -11.96
CA LEU A 83 3.03 -5.19 -10.84
C LEU A 83 1.61 -5.59 -10.47
N GLN A 84 0.78 -5.77 -11.49
CA GLN A 84 -0.62 -6.14 -11.30
C GLN A 84 -0.76 -7.53 -10.68
N GLU A 85 0.05 -8.47 -11.15
CA GLU A 85 -0.01 -9.85 -10.65
C GLU A 85 0.40 -9.90 -9.18
N LEU A 86 1.31 -9.04 -8.79
CA LEU A 86 1.77 -9.01 -7.41
C LEU A 86 0.61 -8.67 -6.46
N LEU A 87 -0.24 -7.73 -6.89
CA LEU A 87 -1.38 -7.30 -6.08
C LEU A 87 -2.33 -8.47 -5.87
N SER A 88 -2.29 -9.40 -6.82
CA SER A 88 -3.19 -10.53 -6.78
C SER A 88 -3.16 -11.20 -5.43
N ALA A 89 -1.96 -11.29 -4.83
CA ALA A 89 -1.80 -11.92 -3.52
C ALA A 89 -1.37 -10.91 -2.47
N HIS A 90 -1.41 -9.62 -2.81
CA HIS A 90 -1.02 -8.57 -1.87
C HIS A 90 -2.05 -7.46 -1.77
N SER A 91 -3.09 -7.53 -2.60
CA SER A 91 -4.10 -6.49 -2.58
C SER A 91 -4.76 -6.38 -1.21
N LEU A 92 -5.01 -7.51 -0.58
CA LEU A 92 -5.66 -7.54 0.73
C LEU A 92 -6.90 -6.62 0.77
N SER A 93 -7.24 -6.03 -0.36
CA SER A 93 -8.37 -5.11 -0.47
C SER A 93 -8.92 -5.07 -1.90
N SER A 94 -10.16 -4.59 -2.04
CA SER A 94 -10.80 -4.50 -3.36
C SER A 94 -11.04 -3.05 -3.78
N TRP A 95 -10.50 -2.10 -3.02
CA TRP A 95 -10.70 -0.67 -3.31
C TRP A 95 -9.36 0.05 -3.50
N GLY A 96 -9.44 1.30 -3.96
CA GLY A 96 -8.26 2.10 -4.20
C GLY A 96 -8.45 2.97 -5.44
N ALA A 97 -9.40 3.90 -5.36
CA ALA A 97 -9.71 4.80 -6.48
C ALA A 97 -10.70 4.15 -7.43
N GLU A 98 -11.39 3.13 -6.92
CA GLU A 98 -12.39 2.40 -7.69
C GLU A 98 -13.73 2.44 -6.97
N VAL A 99 -14.82 2.52 -7.75
CA VAL A 99 -16.16 2.56 -7.18
C VAL A 99 -17.01 1.43 -7.74
N LYS A 100 -17.62 0.69 -6.83
CA LYS A 100 -18.45 -0.45 -7.18
C LYS A 100 -19.94 -0.12 -7.06
N HIS A 101 -20.25 1.02 -6.48
CA HIS A 101 -21.64 1.44 -6.33
C HIS A 101 -21.75 2.92 -6.03
N HIS A 102 -21.36 3.33 -4.80
CA HIS A 102 -21.44 4.74 -4.43
C HIS A 102 -20.51 5.07 -3.27
N HIS A 103 -20.51 6.34 -2.87
CA HIS A 103 -19.67 6.79 -1.75
C HIS A 103 -20.51 6.96 -0.49
N HIS A 104 -21.83 7.04 -0.67
CA HIS A 104 -22.74 7.18 0.46
C HIS A 104 -24.13 6.67 0.09
N HIS A 105 -24.86 6.19 1.09
CA HIS A 105 -26.20 5.67 0.86
C HIS A 105 -27.15 6.79 0.42
N HIS A 106 -27.05 7.94 1.09
CA HIS A 106 -27.90 9.08 0.79
C HIS A 106 -27.21 10.05 -0.18
N MET A 1 12.85 -2.34 -13.52
CA MET A 1 12.48 -2.24 -12.07
C MET A 1 11.50 -1.10 -11.89
N LYS A 2 11.94 -0.05 -11.20
CA LYS A 2 11.08 1.11 -10.97
C LYS A 2 9.71 0.67 -10.47
N PRO A 3 9.65 0.08 -9.31
CA PRO A 3 8.38 -0.42 -8.72
C PRO A 3 7.60 0.69 -8.01
N LEU A 4 8.27 1.38 -7.08
CA LEU A 4 7.64 2.46 -6.31
C LEU A 4 8.05 3.84 -6.80
N SER A 5 8.94 3.89 -7.78
CA SER A 5 9.40 5.18 -8.31
C SER A 5 8.44 5.72 -9.34
N ASN A 6 7.47 6.50 -8.86
CA ASN A 6 6.44 7.11 -9.69
C ASN A 6 5.15 7.22 -8.88
N MET A 7 5.16 6.64 -7.68
CA MET A 7 3.97 6.63 -6.83
C MET A 7 4.30 6.99 -5.38
N LYS A 8 3.34 7.58 -4.68
CA LYS A 8 3.50 7.95 -3.27
C LYS A 8 2.97 6.81 -2.40
N ILE A 9 3.47 6.69 -1.17
CA ILE A 9 3.08 5.59 -0.29
C ILE A 9 2.61 6.04 1.09
N LEU A 10 1.77 5.19 1.70
CA LEU A 10 1.21 5.43 3.03
C LEU A 10 1.31 4.17 3.88
N THR A 11 1.43 4.33 5.19
CA THR A 11 1.48 3.18 6.09
C THR A 11 0.55 3.42 7.27
N LEU A 12 -0.09 2.36 7.75
CA LEU A 12 -1.07 2.49 8.84
C LEU A 12 -0.63 1.73 10.09
N GLY A 13 -0.55 2.45 11.20
CA GLY A 13 -0.19 1.86 12.48
C GLY A 13 1.13 1.09 12.46
N LYS A 14 1.06 -0.14 12.99
CA LYS A 14 2.21 -1.02 13.12
C LYS A 14 2.85 -1.37 11.78
N LEU A 15 4.18 -1.35 11.77
CA LEU A 15 4.98 -1.68 10.59
C LEU A 15 5.97 -2.80 10.94
N SER A 16 5.99 -3.86 10.14
CA SER A 16 6.90 -4.96 10.40
C SER A 16 8.35 -4.49 10.34
N GLN A 17 8.64 -3.68 9.32
CA GLN A 17 9.98 -3.14 9.13
C GLN A 17 10.28 -2.05 10.16
N ASN A 18 11.55 -1.94 10.52
CA ASN A 18 11.97 -0.96 11.52
C ASN A 18 12.08 0.42 10.90
N LYS A 19 12.80 1.30 11.57
CA LYS A 19 13.01 2.66 11.09
C LYS A 19 13.90 2.69 9.85
N ASP A 20 15.18 2.43 10.05
CA ASP A 20 16.12 2.51 8.95
C ASP A 20 15.78 1.54 7.82
N GLU A 21 15.42 0.31 8.18
CA GLU A 21 15.09 -0.69 7.16
C GLU A 21 13.85 -0.29 6.35
N ALA A 22 12.86 0.29 7.01
CA ALA A 22 11.65 0.69 6.29
C ALA A 22 11.91 1.88 5.36
N LYS A 23 12.22 3.01 5.95
CA LYS A 23 12.45 4.23 5.17
C LYS A 23 13.59 4.07 4.17
N ALA A 24 14.67 3.41 4.54
CA ALA A 24 15.79 3.26 3.61
C ALA A 24 15.40 2.45 2.37
N MET A 25 14.68 1.35 2.56
CA MET A 25 14.28 0.53 1.41
C MET A 25 13.21 1.20 0.55
N ILE A 26 12.25 1.89 1.17
CA ILE A 26 11.23 2.59 0.39
C ILE A 26 11.88 3.67 -0.48
N GLU A 27 12.80 4.43 0.09
CA GLU A 27 13.50 5.46 -0.67
C GLU A 27 14.49 4.86 -1.66
N LYS A 28 14.95 3.64 -1.39
CA LYS A 28 15.90 2.98 -2.29
C LYS A 28 15.27 2.83 -3.66
N LEU A 29 14.04 2.32 -3.67
CA LEU A 29 13.29 2.12 -4.92
C LEU A 29 13.00 3.45 -5.56
N GLY A 30 12.64 4.38 -4.70
CA GLY A 30 12.26 5.71 -5.11
C GLY A 30 10.95 6.07 -4.44
N GLY A 31 10.38 5.09 -3.74
CA GLY A 31 9.11 5.29 -3.06
C GLY A 31 9.26 6.36 -1.97
N LYS A 32 8.17 7.06 -1.67
CA LYS A 32 8.17 8.13 -0.65
C LYS A 32 6.95 8.00 0.26
N LEU A 33 7.08 8.55 1.48
CA LEU A 33 6.02 8.48 2.48
C LEU A 33 5.26 9.80 2.60
N THR A 34 3.92 9.73 2.50
CA THR A 34 3.09 10.93 2.63
C THR A 34 2.70 11.15 4.09
N GLY A 35 2.18 12.33 4.39
CA GLY A 35 1.75 12.67 5.75
C GLY A 35 0.24 12.81 5.84
N SER A 36 -0.45 12.34 4.80
CA SER A 36 -1.92 12.43 4.76
C SER A 36 -2.50 11.30 3.93
N ALA A 37 -3.80 11.06 4.08
CA ALA A 37 -4.48 9.98 3.36
C ALA A 37 -4.84 10.39 1.93
N ASN A 38 -5.10 9.37 1.11
CA ASN A 38 -5.46 9.54 -0.29
C ASN A 38 -4.35 10.20 -1.10
N LYS A 39 -3.47 10.94 -0.42
CA LYS A 39 -2.36 11.59 -1.10
C LYS A 39 -1.48 10.51 -1.73
N ALA A 40 -1.37 9.40 -1.01
CA ALA A 40 -0.58 8.26 -1.48
C ALA A 40 -1.40 7.40 -2.41
N SER A 41 -0.85 6.24 -2.82
CA SER A 41 -1.57 5.34 -3.73
C SER A 41 -1.77 3.97 -3.07
N LEU A 42 -0.70 3.42 -2.50
CA LEU A 42 -0.78 2.12 -1.82
C LEU A 42 -0.45 2.25 -0.33
N CYS A 43 -1.38 1.79 0.48
CA CYS A 43 -1.23 1.82 1.94
C CYS A 43 -0.57 0.53 2.42
N ILE A 44 0.38 0.66 3.36
CA ILE A 44 1.07 -0.53 3.89
C ILE A 44 0.36 -1.07 5.12
N SER A 45 -0.29 -2.23 4.95
CA SER A 45 -1.00 -2.89 6.04
C SER A 45 -1.25 -4.35 5.70
N THR A 46 -1.44 -5.18 6.72
CA THR A 46 -1.69 -6.62 6.52
C THR A 46 -3.11 -6.95 6.95
N LYS A 47 -3.59 -8.15 6.60
CA LYS A 47 -4.93 -8.55 6.98
C LYS A 47 -5.13 -8.32 8.47
N LYS A 48 -4.18 -8.78 9.28
CA LYS A 48 -4.28 -8.64 10.72
C LYS A 48 -4.87 -7.28 11.08
N GLU A 49 -4.42 -6.23 10.40
CA GLU A 49 -4.96 -4.89 10.64
C GLU A 49 -6.39 -4.79 10.10
N VAL A 50 -6.59 -5.33 8.89
CA VAL A 50 -7.91 -5.28 8.24
C VAL A 50 -8.93 -6.17 8.98
N GLU A 51 -8.46 -7.11 9.77
CA GLU A 51 -9.40 -7.94 10.49
C GLU A 51 -10.14 -7.08 11.50
N LYS A 52 -9.39 -6.17 12.12
CA LYS A 52 -9.91 -5.27 13.14
C LYS A 52 -10.85 -4.20 12.57
N MET A 53 -10.44 -3.60 11.45
CA MET A 53 -11.20 -2.52 10.83
C MET A 53 -11.49 -1.45 11.87
N SER A 54 -10.40 -0.92 12.42
CA SER A 54 -10.48 0.12 13.44
C SER A 54 -10.73 1.48 12.81
N LYS A 55 -10.70 2.52 13.64
CA LYS A 55 -10.91 3.88 13.16
C LYS A 55 -9.83 4.24 12.13
N LYS A 56 -8.62 3.79 12.37
CA LYS A 56 -7.52 4.07 11.48
C LYS A 56 -7.80 3.47 10.10
N MET A 57 -8.38 2.28 10.08
CA MET A 57 -8.72 1.62 8.82
C MET A 57 -9.77 2.43 8.06
N GLU A 58 -10.75 2.96 8.81
CA GLU A 58 -11.81 3.74 8.21
C GLU A 58 -11.22 4.91 7.41
N GLU A 59 -10.10 5.44 7.89
CA GLU A 59 -9.45 6.57 7.22
C GLU A 59 -8.95 6.11 5.84
N VAL A 60 -8.32 4.94 5.81
CA VAL A 60 -7.81 4.38 4.56
C VAL A 60 -8.96 4.08 3.60
N LYS A 61 -10.00 3.46 4.13
CA LYS A 61 -11.18 3.11 3.36
C LYS A 61 -11.89 4.35 2.82
N ALA A 62 -12.03 5.36 3.66
CA ALA A 62 -12.69 6.59 3.26
C ALA A 62 -11.73 7.52 2.53
N ALA A 63 -10.49 7.05 2.34
CA ALA A 63 -9.47 7.85 1.65
C ALA A 63 -9.25 7.31 0.25
N ASN A 64 -9.81 6.13 -0.02
CA ASN A 64 -9.68 5.52 -1.33
C ASN A 64 -8.23 5.19 -1.67
N VAL A 65 -7.61 4.37 -0.84
CA VAL A 65 -6.23 3.95 -1.05
C VAL A 65 -6.13 2.43 -1.01
N ARG A 66 -5.55 1.84 -2.05
CA ARG A 66 -5.40 0.40 -2.09
C ARG A 66 -4.46 -0.05 -0.99
N VAL A 67 -4.72 -1.21 -0.42
CA VAL A 67 -3.92 -1.73 0.68
C VAL A 67 -3.03 -2.88 0.24
N VAL A 68 -1.75 -2.81 0.61
CA VAL A 68 -0.79 -3.86 0.25
C VAL A 68 -0.02 -4.29 1.50
N CYS A 69 0.52 -5.50 1.44
CA CYS A 69 1.26 -6.05 2.57
C CYS A 69 2.74 -5.66 2.51
N GLU A 70 3.42 -5.75 3.65
CA GLU A 70 4.83 -5.39 3.74
C GLU A 70 5.71 -6.31 2.87
N ASP A 71 5.34 -7.57 2.79
CA ASP A 71 6.12 -8.51 1.99
C ASP A 71 6.11 -8.09 0.53
N PHE A 72 5.23 -7.14 0.22
CA PHE A 72 5.13 -6.60 -1.13
C PHE A 72 6.45 -5.95 -1.50
N LEU A 73 6.99 -5.20 -0.55
CA LEU A 73 8.25 -4.49 -0.77
C LEU A 73 9.35 -5.51 -1.03
N GLN A 74 9.31 -6.60 -0.28
CA GLN A 74 10.30 -7.65 -0.43
C GLN A 74 10.15 -8.30 -1.80
N ASP A 75 8.90 -8.48 -2.22
CA ASP A 75 8.61 -9.11 -3.50
C ASP A 75 9.17 -8.33 -4.69
N VAL A 76 8.90 -7.03 -4.75
CA VAL A 76 9.42 -6.24 -5.87
C VAL A 76 10.93 -6.16 -5.78
N SER A 77 11.42 -6.07 -4.56
CA SER A 77 12.86 -5.97 -4.32
C SER A 77 13.58 -7.21 -4.86
N ALA A 78 12.97 -8.39 -4.67
CA ALA A 78 13.60 -9.63 -5.13
C ALA A 78 12.86 -10.24 -6.33
N SER A 79 11.58 -10.56 -6.14
CA SER A 79 10.80 -11.18 -7.20
C SER A 79 10.71 -10.29 -8.44
N ALA A 80 10.48 -8.99 -8.24
CA ALA A 80 10.40 -8.05 -9.36
C ALA A 80 9.47 -8.54 -10.47
N LYS A 81 8.40 -9.24 -10.11
CA LYS A 81 7.47 -9.75 -11.12
C LYS A 81 6.54 -8.65 -11.60
N SER A 82 5.52 -9.08 -12.34
CA SER A 82 4.53 -8.15 -12.87
C SER A 82 3.79 -7.48 -11.73
N LEU A 83 3.49 -6.20 -11.90
CA LEU A 83 2.80 -5.47 -10.85
C LEU A 83 1.41 -6.04 -10.59
N GLN A 84 0.70 -6.37 -11.66
CA GLN A 84 -0.65 -6.91 -11.52
C GLN A 84 -0.63 -8.27 -10.85
N GLU A 85 0.37 -9.09 -11.19
CA GLU A 85 0.49 -10.42 -10.61
C GLU A 85 0.73 -10.33 -9.11
N LEU A 86 1.47 -9.33 -8.68
CA LEU A 86 1.76 -9.17 -7.25
C LEU A 86 0.47 -8.92 -6.47
N LEU A 87 -0.44 -8.11 -7.03
CA LEU A 87 -1.69 -7.79 -6.33
C LEU A 87 -2.50 -9.07 -6.18
N SER A 88 -2.29 -9.98 -7.13
CA SER A 88 -3.05 -11.22 -7.17
C SER A 88 -2.88 -12.00 -5.87
N ALA A 89 -1.68 -11.94 -5.31
CA ALA A 89 -1.38 -12.65 -4.06
C ALA A 89 -1.15 -11.68 -2.92
N HIS A 90 -1.25 -10.38 -3.19
CA HIS A 90 -1.03 -9.36 -2.16
C HIS A 90 -2.15 -8.33 -2.10
N SER A 91 -3.20 -8.52 -2.88
CA SER A 91 -4.31 -7.57 -2.86
C SER A 91 -5.15 -7.76 -1.62
N LEU A 92 -4.91 -6.91 -0.66
CA LEU A 92 -5.65 -6.96 0.60
C LEU A 92 -6.92 -6.14 0.49
N SER A 93 -7.02 -5.37 -0.59
CA SER A 93 -8.19 -4.51 -0.81
C SER A 93 -8.47 -4.36 -2.30
N SER A 94 -9.73 -4.06 -2.64
CA SER A 94 -10.13 -3.88 -4.04
C SER A 94 -10.38 -2.42 -4.36
N TRP A 95 -10.21 -1.55 -3.37
CA TRP A 95 -10.42 -0.10 -3.56
C TRP A 95 -9.09 0.63 -3.72
N GLY A 96 -9.15 1.89 -4.14
CA GLY A 96 -7.94 2.69 -4.34
C GLY A 96 -8.00 3.45 -5.66
N ALA A 97 -9.02 4.30 -5.80
CA ALA A 97 -9.16 5.10 -7.01
C ALA A 97 -8.93 4.28 -8.26
N GLU A 98 -9.70 3.22 -8.42
CA GLU A 98 -9.57 2.37 -9.59
C GLU A 98 -9.66 3.22 -10.85
N VAL A 99 -9.00 2.78 -11.92
CA VAL A 99 -8.98 3.53 -13.18
C VAL A 99 -10.36 3.88 -13.70
N LYS A 100 -10.88 5.02 -13.25
CA LYS A 100 -12.17 5.52 -13.70
C LYS A 100 -12.05 6.97 -14.15
N HIS A 101 -10.85 7.53 -13.99
CA HIS A 101 -10.61 8.92 -14.35
C HIS A 101 -10.74 9.13 -15.86
N HIS A 102 -10.05 8.29 -16.64
CA HIS A 102 -10.09 8.39 -18.10
C HIS A 102 -9.04 7.48 -18.72
N HIS A 103 -9.18 7.21 -20.02
CA HIS A 103 -8.22 6.37 -20.72
C HIS A 103 -7.02 7.22 -21.12
N HIS A 104 -7.30 8.39 -21.68
CA HIS A 104 -6.26 9.33 -22.08
C HIS A 104 -6.86 10.72 -22.30
N HIS A 105 -6.01 11.74 -22.23
CA HIS A 105 -6.47 13.11 -22.43
C HIS A 105 -6.59 13.42 -23.91
N HIS A 106 -7.64 14.14 -24.28
CA HIS A 106 -7.87 14.49 -25.68
C HIS A 106 -6.77 15.40 -26.21
#